data_4QHR
#
_entry.id   4QHR
#
_cell.length_a   46.990
_cell.length_b   82.980
_cell.length_c   93.320
_cell.angle_alpha   90.00
_cell.angle_beta   97.09
_cell.angle_gamma   90.00
#
_symmetry.space_group_name_H-M   'P 1 21 1'
#
loop_
_entity.id
_entity.type
_entity.pdbx_description
1 polymer 'Alanine racemase'
2 water water
#
_entity_poly.entity_id   1
_entity_poly.type   'polypeptide(L)'
_entity_poly.pdbx_seq_one_letter_code
;MRQATVYIDRQALQYNLNRVKQLAANSKIVSMV(LLP)ANAYGHGVKDCLAALNASDAFGVACLQEGLEIRELGFEQPVT
LIEGVFSEDEMPVAIEQKFECVIHHQQQFEWLIKHKQAYIAQGLKVWVKLNSGMNRLGFKDPEIIEVIKTLKSEGFTCVL
AMHFANADVDHPLNEQQKQQFLHIKETCDPILASCCNSAAIFKWPELNFDYVRPGIMLYGASPFADKTVHDLDLKPVMTF
TAEIIALNHIEAGEHVGYGSTFCAQQAMDIAIVSIGYGDGYPRAYVKQNFVAIDGKLCPVVGRVSMDMIAIDVTNTQVKL
GTQVELWGNHRLVDDVAEANGTIGYELLCRLSSRPVRQGT
;
_entity_poly.pdbx_strand_id   A,B
#
# COMPACT_ATOMS: atom_id res chain seq x y z
N MET A 1 -22.44 2.76 -4.52
CA MET A 1 -21.20 2.70 -3.71
C MET A 1 -20.03 3.11 -4.62
N ARG A 2 -19.03 3.68 -3.98
CA ARG A 2 -17.74 3.95 -4.62
C ARG A 2 -17.20 2.68 -5.23
N GLN A 3 -16.74 2.80 -6.46
CA GLN A 3 -16.19 1.70 -7.25
C GLN A 3 -14.66 1.77 -7.33
N ALA A 4 -14.04 0.82 -6.65
CA ALA A 4 -12.59 0.57 -6.68
C ALA A 4 -12.49 -0.93 -6.46
N THR A 5 -11.98 -1.63 -7.46
CA THR A 5 -12.04 -3.10 -7.53
C THR A 5 -10.72 -3.76 -8.02
N VAL A 6 -10.41 -4.87 -7.40
CA VAL A 6 -9.23 -5.69 -7.70
C VAL A 6 -9.78 -7.05 -8.13
N TYR A 7 -9.58 -7.38 -9.40
CA TYR A 7 -10.05 -8.62 -10.05
C TYR A 7 -8.87 -9.53 -10.21
N ILE A 8 -9.07 -10.81 -9.93
CA ILE A 8 -8.04 -11.83 -10.03
C ILE A 8 -8.50 -12.94 -10.97
N ASP A 9 -7.81 -13.10 -12.09
CA ASP A 9 -8.12 -14.09 -13.16
C ASP A 9 -7.44 -15.44 -12.89
N ARG A 10 -8.25 -16.42 -12.46
CA ARG A 10 -7.77 -17.80 -12.09
C ARG A 10 -7.22 -18.54 -13.31
N GLN A 11 -7.78 -18.31 -14.46
CA GLN A 11 -7.27 -18.99 -15.67
C GLN A 11 -5.88 -18.48 -16.08
N ALA A 12 -5.64 -17.20 -15.88
CA ALA A 12 -4.34 -16.65 -16.17
C ALA A 12 -3.33 -17.24 -15.22
N LEU A 13 -3.64 -17.34 -13.93
CA LEU A 13 -2.74 -18.00 -12.99
C LEU A 13 -2.39 -19.42 -13.44
N GLN A 14 -3.39 -20.18 -13.88
CA GLN A 14 -3.14 -21.56 -14.34
C GLN A 14 -2.25 -21.55 -15.55
N TYR A 15 -2.49 -20.61 -16.42
CA TYR A 15 -1.71 -20.52 -17.65
C TYR A 15 -0.21 -20.23 -17.37
N ASN A 16 0.04 -19.30 -16.46
CA ASN A 16 1.41 -18.90 -16.15
C ASN A 16 2.12 -20.00 -15.41
N LEU A 17 1.39 -20.73 -14.56
CA LEU A 17 1.99 -21.91 -13.89
C LEU A 17 2.38 -22.95 -14.94
N ASN A 18 1.55 -23.09 -15.97
CA ASN A 18 1.81 -23.99 -17.04
C ASN A 18 3.00 -23.53 -17.85
N ARG A 19 3.21 -22.21 -17.97
CA ARG A 19 4.42 -21.70 -18.56
C ARG A 19 5.67 -22.15 -17.82
N VAL A 20 5.63 -22.14 -16.49
CA VAL A 20 6.77 -22.65 -15.72
C VAL A 20 7.09 -24.08 -16.11
N LYS A 21 6.05 -24.90 -16.14
CA LYS A 21 6.16 -26.29 -16.56
C LYS A 21 6.76 -26.49 -17.94
N GLN A 22 6.41 -25.64 -18.87
CA GLN A 22 6.98 -25.67 -20.19
C GLN A 22 8.43 -25.24 -20.16
N LEU A 23 8.78 -24.29 -19.33
CA LEU A 23 10.16 -23.81 -19.28
C LEU A 23 11.06 -24.66 -18.43
N ALA A 24 10.52 -25.39 -17.45
CA ALA A 24 11.32 -26.17 -16.49
C ALA A 24 10.71 -27.56 -16.39
N ALA A 25 10.81 -28.29 -17.51
CA ALA A 25 10.00 -29.49 -17.66
C ALA A 25 10.27 -30.62 -16.70
N ASN A 26 11.49 -30.71 -16.19
CA ASN A 26 11.85 -31.80 -15.34
C ASN A 26 12.09 -31.39 -13.89
N SER A 27 11.46 -30.32 -13.43
CA SER A 27 11.66 -29.82 -12.05
C SER A 27 10.31 -29.74 -11.34
N LYS A 28 10.34 -29.96 -10.05
CA LYS A 28 9.17 -29.70 -9.22
C LYS A 28 9.03 -28.20 -9.05
N ILE A 29 7.79 -27.72 -8.90
CA ILE A 29 7.59 -26.29 -8.78
C ILE A 29 7.16 -25.88 -7.37
N VAL A 30 7.95 -24.98 -6.78
CA VAL A 30 7.62 -24.28 -5.55
C VAL A 30 6.99 -22.92 -5.95
N SER A 31 5.65 -22.84 -5.94
CA SER A 31 5.00 -21.58 -6.31
C SER A 31 5.11 -20.59 -5.11
N MET A 32 5.74 -19.44 -5.34
CA MET A 32 5.96 -18.44 -4.26
C MET A 32 4.68 -17.59 -4.12
N VAL A 33 4.04 -17.76 -2.96
CA VAL A 33 2.77 -17.18 -2.64
C VAL A 33 2.87 -16.33 -1.35
N1 LLP A 34 13.08 -17.72 -4.38
C2 LLP A 34 13.05 -17.24 -3.16
C2' LLP A 34 14.02 -17.71 -2.06
C3 LLP A 34 12.09 -16.17 -2.89
O3 LLP A 34 12.02 -15.67 -1.66
C4 LLP A 34 11.19 -15.70 -3.97
C4' LLP A 34 10.14 -14.62 -3.72
C5 LLP A 34 11.36 -16.35 -5.31
C6 LLP A 34 12.32 -17.34 -5.47
C5' LLP A 34 10.52 -15.88 -6.46
OP4 LLP A 34 11.17 -14.69 -6.95
P LLP A 34 10.49 -14.00 -8.22
OP1 LLP A 34 9.21 -13.35 -7.73
OP2 LLP A 34 11.44 -12.94 -8.75
OP3 LLP A 34 10.22 -15.05 -9.28
N LLP A 34 4.07 -15.91 -1.02
CA LLP A 34 4.26 -15.00 0.11
CB LLP A 34 5.76 -14.90 0.41
CG LLP A 34 6.54 -14.11 -0.58
CD LLP A 34 7.96 -14.70 -0.65
CE LLP A 34 8.64 -13.89 -1.73
NZ LLP A 34 9.86 -14.41 -2.28
C LLP A 34 3.61 -13.67 -0.09
O LLP A 34 3.24 -13.31 -1.18
N ALA A 35 3.44 -12.93 1.00
CA ALA A 35 2.86 -11.61 0.93
C ALA A 35 1.45 -11.63 0.30
N ASN A 36 0.65 -12.58 0.78
CA ASN A 36 -0.75 -12.78 0.34
C ASN A 36 -0.84 -12.98 -1.16
N ALA A 37 -0.02 -13.90 -1.62
CA ALA A 37 0.17 -14.25 -3.04
C ALA A 37 0.56 -13.00 -3.84
N TYR A 38 1.61 -12.34 -3.38
CA TYR A 38 2.11 -11.10 -3.99
C TYR A 38 0.95 -10.09 -4.14
N GLY A 39 0.09 -10.02 -3.12
CA GLY A 39 -1.07 -9.13 -3.08
C GLY A 39 -2.32 -9.55 -3.85
N HIS A 40 -2.28 -10.74 -4.49
CA HIS A 40 -3.38 -11.22 -5.32
C HIS A 40 -4.38 -12.00 -4.50
N GLY A 41 -4.05 -12.28 -3.26
CA GLY A 41 -5.02 -12.98 -2.34
C GLY A 41 -4.85 -14.48 -2.35
N VAL A 42 -4.39 -15.07 -1.23
CA VAL A 42 -4.20 -16.54 -1.20
C VAL A 42 -5.50 -17.32 -1.42
N LYS A 43 -6.61 -16.85 -0.88
CA LYS A 43 -7.90 -17.50 -0.99
C LYS A 43 -8.26 -17.68 -2.46
N ASP A 44 -7.92 -16.66 -3.25
CA ASP A 44 -8.23 -16.58 -4.67
C ASP A 44 -7.23 -17.24 -5.58
N CYS A 45 -6.01 -17.61 -5.12
CA CYS A 45 -4.88 -18.04 -5.95
C CYS A 45 -4.41 -19.51 -5.77
N LEU A 46 -4.58 -20.02 -4.56
CA LEU A 46 -4.08 -21.36 -4.25
C LEU A 46 -4.78 -22.41 -5.12
N ALA A 47 -6.11 -22.32 -5.26
CA ALA A 47 -6.84 -23.31 -6.08
C ALA A 47 -6.33 -23.26 -7.51
N ALA A 48 -6.19 -22.06 -8.06
CA ALA A 48 -5.66 -21.92 -9.44
C ALA A 48 -4.25 -22.46 -9.58
N LEU A 49 -3.50 -22.44 -8.50
CA LEU A 49 -2.10 -22.92 -8.50
C LEU A 49 -1.96 -24.35 -7.86
N ASN A 50 -3.07 -25.07 -7.73
CA ASN A 50 -3.04 -26.36 -7.04
C ASN A 50 -2.16 -27.44 -7.67
N ALA A 51 -1.83 -27.31 -8.93
CA ALA A 51 -0.89 -28.23 -9.56
C ALA A 51 0.56 -28.02 -9.11
N SER A 52 0.84 -26.97 -8.35
CA SER A 52 2.13 -26.78 -7.78
C SER A 52 2.51 -28.00 -6.89
N ASP A 53 3.78 -28.34 -6.91
CA ASP A 53 4.34 -29.37 -6.07
C ASP A 53 4.50 -28.90 -4.63
N ALA A 54 4.77 -27.61 -4.49
CA ALA A 54 4.91 -26.94 -3.17
C ALA A 54 4.49 -25.45 -3.25
N PHE A 55 4.17 -24.87 -2.10
CA PHE A 55 3.96 -23.44 -1.96
C PHE A 55 5.07 -22.89 -1.09
N GLY A 56 5.68 -21.80 -1.53
CA GLY A 56 6.70 -21.08 -0.73
C GLY A 56 6.16 -19.82 -0.06
N VAL A 57 6.46 -19.65 1.23
CA VAL A 57 5.94 -18.52 2.03
C VAL A 57 7.09 -17.87 2.81
N ALA A 58 6.87 -16.64 3.28
CA ALA A 58 7.89 -15.90 4.03
C ALA A 58 7.93 -16.28 5.51
N CYS A 59 6.83 -16.82 6.05
CA CYS A 59 6.80 -17.10 7.48
C CYS A 59 5.76 -18.14 7.83
N LEU A 60 5.86 -18.62 9.07
CA LEU A 60 4.93 -19.66 9.54
C LEU A 60 3.47 -19.25 9.38
N GLN A 61 3.17 -18.00 9.72
CA GLN A 61 1.79 -17.55 9.72
C GLN A 61 1.17 -17.65 8.32
N GLU A 62 1.90 -17.27 7.27
CA GLU A 62 1.47 -17.50 5.89
C GLU A 62 1.22 -18.97 5.58
N GLY A 63 2.08 -19.85 6.08
CA GLY A 63 1.84 -21.25 5.93
C GLY A 63 0.59 -21.74 6.67
N LEU A 64 0.37 -21.26 7.88
CA LEU A 64 -0.85 -21.63 8.64
C LEU A 64 -2.13 -21.16 7.91
N GLU A 65 -2.06 -20.02 7.23
CA GLU A 65 -3.19 -19.54 6.45
C GLU A 65 -3.52 -20.54 5.30
N ILE A 66 -2.49 -21.03 4.63
CA ILE A 66 -2.69 -22.01 3.56
C ILE A 66 -3.41 -23.25 4.11
N ARG A 67 -2.99 -23.68 5.28
CA ARG A 67 -3.51 -24.94 5.87
C ARG A 67 -4.93 -24.73 6.29
N GLU A 68 -5.19 -23.60 6.94
CA GLU A 68 -6.55 -23.18 7.37
C GLU A 68 -7.50 -23.14 6.20
N LEU A 69 -6.99 -22.80 5.01
CA LEU A 69 -7.82 -22.76 3.80
C LEU A 69 -8.08 -24.13 3.18
N GLY A 70 -7.54 -25.19 3.81
CA GLY A 70 -7.75 -26.56 3.36
C GLY A 70 -6.73 -27.18 2.47
N PHE A 71 -5.64 -26.44 2.18
CA PHE A 71 -4.67 -26.94 1.22
C PHE A 71 -3.67 -27.78 1.95
N GLU A 72 -3.35 -28.93 1.34
CA GLU A 72 -2.48 -29.96 1.91
C GLU A 72 -1.13 -30.05 1.23
N GLN A 73 -0.85 -29.21 0.24
CA GLN A 73 0.45 -29.23 -0.42
C GLN A 73 1.63 -29.01 0.54
N PRO A 74 2.78 -29.60 0.20
CA PRO A 74 4.00 -29.21 0.89
C PRO A 74 4.16 -27.66 0.87
N VAL A 75 4.66 -27.11 1.98
CA VAL A 75 4.88 -25.65 2.13
C VAL A 75 6.30 -25.52 2.55
N THR A 76 7.04 -24.59 1.96
CA THR A 76 8.41 -24.30 2.37
C THR A 76 8.46 -22.92 3.04
N LEU A 77 8.97 -22.88 4.28
CA LEU A 77 9.21 -21.60 4.96
C LEU A 77 10.54 -21.09 4.45
N ILE A 78 10.49 -20.11 3.56
CA ILE A 78 11.71 -19.75 2.79
C ILE A 78 12.76 -18.99 3.58
N GLU A 79 12.43 -18.51 4.78
CA GLU A 79 13.38 -17.87 5.67
C GLU A 79 13.53 -18.69 6.91
N GLY A 80 12.92 -19.89 6.93
CA GLY A 80 12.96 -20.75 8.13
C GLY A 80 12.16 -20.19 9.29
N VAL A 81 12.48 -20.63 10.50
CA VAL A 81 11.74 -20.15 11.69
C VAL A 81 12.49 -18.98 12.34
N PHE A 82 11.70 -18.11 12.97
CA PHE A 82 12.20 -16.91 13.64
C PHE A 82 12.37 -17.12 15.14
N SER A 83 11.68 -18.08 15.71
CA SER A 83 11.83 -18.43 17.12
C SER A 83 11.70 -19.94 17.22
N GLU A 84 12.35 -20.53 18.24
CA GLU A 84 12.34 -22.00 18.37
C GLU A 84 10.94 -22.60 18.51
N ASP A 85 10.06 -21.87 19.21
CA ASP A 85 8.69 -22.41 19.42
C ASP A 85 7.88 -22.58 18.14
N GLU A 86 8.38 -22.10 17.01
CA GLU A 86 7.75 -22.43 15.72
C GLU A 86 8.04 -23.82 15.24
N MET A 87 9.12 -24.45 15.72
CA MET A 87 9.49 -25.78 15.25
C MET A 87 8.41 -26.86 15.40
N PRO A 88 7.77 -26.98 16.56
CA PRO A 88 6.73 -28.03 16.71
C PRO A 88 5.58 -27.83 15.76
N VAL A 89 5.23 -26.56 15.50
CA VAL A 89 4.11 -26.21 14.60
C VAL A 89 4.45 -26.53 13.15
N ALA A 90 5.62 -26.10 12.72
CA ALA A 90 6.15 -26.46 11.41
C ALA A 90 6.16 -27.95 11.18
N ILE A 91 6.65 -28.72 12.13
CA ILE A 91 6.70 -30.15 11.99
C ILE A 91 5.28 -30.77 11.88
N GLU A 92 4.37 -30.27 12.69
CA GLU A 92 3.02 -30.83 12.78
C GLU A 92 2.25 -30.55 11.49
N GLN A 93 2.43 -29.35 10.97
CA GLN A 93 1.80 -28.95 9.74
C GLN A 93 2.52 -29.41 8.48
N LYS A 94 3.63 -30.12 8.63
CA LYS A 94 4.48 -30.52 7.51
C LYS A 94 5.01 -29.36 6.63
N PHE A 95 5.62 -28.39 7.30
CA PHE A 95 6.27 -27.26 6.64
C PHE A 95 7.78 -27.52 6.63
N GLU A 96 8.40 -27.60 5.45
CA GLU A 96 9.82 -27.77 5.39
C GLU A 96 10.45 -26.41 5.65
N CYS A 97 11.58 -26.42 6.34
CA CYS A 97 12.25 -25.21 6.74
C CYS A 97 13.52 -24.98 6.00
N VAL A 98 13.67 -23.74 5.52
CA VAL A 98 14.97 -23.24 5.19
C VAL A 98 15.74 -23.02 6.49
N ILE A 99 17.03 -23.36 6.51
CA ILE A 99 17.92 -22.84 7.53
C ILE A 99 18.98 -21.97 6.86
N HIS A 100 19.28 -20.85 7.47
CA HIS A 100 20.23 -19.90 6.91
C HIS A 100 21.31 -19.44 7.92
N HIS A 101 21.21 -19.82 9.18
CA HIS A 101 22.22 -19.40 10.15
C HIS A 101 22.23 -20.36 11.32
N GLN A 102 23.30 -20.28 12.11
CA GLN A 102 23.61 -21.23 13.18
C GLN A 102 22.47 -21.46 14.17
N GLN A 103 21.78 -20.39 14.55
CA GLN A 103 20.67 -20.46 15.46
C GLN A 103 19.65 -21.51 14.98
N GLN A 104 19.29 -21.43 13.69
CA GLN A 104 18.24 -22.35 13.15
C GLN A 104 18.77 -23.77 13.03
N PHE A 105 20.04 -23.86 12.72
CA PHE A 105 20.70 -25.16 12.69
C PHE A 105 20.56 -25.84 14.04
N GLU A 106 20.85 -25.11 15.11
CA GLU A 106 20.77 -25.68 16.47
C GLU A 106 19.36 -26.12 16.78
N TRP A 107 18.38 -25.28 16.45
CA TRP A 107 16.98 -25.66 16.74
C TRP A 107 16.51 -26.91 15.97
N LEU A 108 16.95 -27.02 14.71
CA LEU A 108 16.56 -28.13 13.84
C LEU A 108 17.13 -29.44 14.36
N ILE A 109 18.40 -29.45 14.69
CA ILE A 109 19.02 -30.66 15.29
C ILE A 109 18.31 -31.05 16.58
N LYS A 110 18.02 -30.07 17.39
CA LYS A 110 17.23 -30.27 18.58
C LYS A 110 15.94 -31.02 18.30
N HIS A 111 15.24 -30.68 17.20
CA HIS A 111 13.98 -31.35 16.83
C HIS A 111 14.12 -32.37 15.69
N LYS A 112 15.30 -32.94 15.53
CA LYS A 112 15.57 -33.76 14.36
C LYS A 112 14.69 -35.01 14.23
N GLN A 113 14.42 -35.72 15.32
CA GLN A 113 13.67 -36.98 15.17
C GLN A 113 12.25 -36.77 14.62
N ALA A 114 11.49 -35.86 15.22
CA ALA A 114 10.14 -35.56 14.74
C ALA A 114 10.14 -34.97 13.30
N TYR A 115 11.07 -34.05 13.04
CA TYR A 115 11.21 -33.43 11.74
C TYR A 115 11.48 -34.49 10.69
N ILE A 116 12.42 -35.39 10.94
CA ILE A 116 12.75 -36.46 9.98
C ILE A 116 11.61 -37.47 9.86
N ALA A 117 10.98 -37.81 10.97
CA ALA A 117 9.91 -38.80 10.89
C ALA A 117 8.73 -38.27 10.07
N GLN A 118 8.51 -36.96 10.07
CA GLN A 118 7.47 -36.34 9.24
C GLN A 118 7.82 -36.32 7.75
N GLY A 119 9.05 -36.70 7.38
CA GLY A 119 9.41 -36.79 5.99
C GLY A 119 9.86 -35.48 5.42
N LEU A 120 10.30 -34.56 6.27
CA LEU A 120 10.51 -33.16 5.84
C LEU A 120 11.95 -32.97 5.47
N LYS A 121 12.17 -32.37 4.31
CA LYS A 121 13.51 -31.99 3.91
C LYS A 121 13.87 -30.72 4.58
N VAL A 122 15.17 -30.45 4.64
CA VAL A 122 15.66 -29.18 5.15
C VAL A 122 16.32 -28.47 3.97
N TRP A 123 15.95 -27.22 3.78
CA TRP A 123 16.49 -26.40 2.71
C TRP A 123 17.66 -25.57 3.27
N VAL A 124 18.87 -25.80 2.76
CA VAL A 124 20.07 -25.17 3.33
C VAL A 124 20.47 -24.06 2.40
N LYS A 125 20.37 -22.84 2.91
CA LYS A 125 20.52 -21.63 2.10
C LYS A 125 21.98 -21.18 2.05
N LEU A 126 22.46 -20.96 0.84
CA LEU A 126 23.78 -20.43 0.57
C LEU A 126 23.72 -18.92 0.40
N ASN A 127 24.65 -18.26 1.07
CA ASN A 127 24.96 -16.86 0.76
C ASN A 127 26.17 -16.92 -0.15
N SER A 128 25.93 -16.64 -1.42
CA SER A 128 26.99 -16.72 -2.43
C SER A 128 27.43 -15.34 -2.88
N GLY A 129 27.00 -14.29 -2.16
CA GLY A 129 27.27 -12.90 -2.59
C GLY A 129 26.18 -11.87 -2.31
N MET A 130 24.92 -12.26 -2.14
CA MET A 130 23.92 -11.26 -1.87
C MET A 130 24.16 -10.64 -0.49
N ASN A 131 24.70 -11.42 0.44
CA ASN A 131 24.91 -11.01 1.83
C ASN A 131 23.63 -10.71 2.64
N ARG A 132 22.48 -11.21 2.14
CA ARG A 132 21.24 -11.20 2.90
C ARG A 132 21.30 -12.41 3.82
N LEU A 133 20.66 -13.52 3.43
CA LEU A 133 20.58 -14.70 4.30
C LEU A 133 21.46 -15.80 3.76
N GLY A 134 21.98 -16.64 4.65
CA GLY A 134 22.59 -17.89 4.21
C GLY A 134 23.94 -18.19 4.86
N PHE A 135 24.35 -19.45 4.72
CA PHE A 135 25.69 -19.88 5.13
C PHE A 135 26.66 -19.58 4.03
N LYS A 136 27.85 -19.20 4.40
CA LYS A 136 28.90 -18.92 3.41
C LYS A 136 29.67 -20.20 3.06
N ASP A 137 30.43 -20.13 1.99
CA ASP A 137 31.36 -21.19 1.60
C ASP A 137 32.64 -20.83 2.34
N PRO A 138 33.22 -21.70 3.17
CA PRO A 138 32.94 -23.18 3.20
C PRO A 138 32.06 -23.72 4.30
N GLU A 139 31.61 -22.89 5.24
CA GLU A 139 30.79 -23.33 6.36
C GLU A 139 29.57 -24.15 5.99
N ILE A 140 28.94 -23.81 4.87
CA ILE A 140 27.76 -24.51 4.39
C ILE A 140 28.05 -26.00 4.12
N ILE A 141 29.28 -26.33 3.76
CA ILE A 141 29.62 -27.73 3.47
C ILE A 141 29.59 -28.53 4.74
N GLU A 142 30.07 -27.98 5.83
CA GLU A 142 30.07 -28.71 7.08
C GLU A 142 28.67 -28.87 7.60
N VAL A 143 27.84 -27.83 7.42
CA VAL A 143 26.44 -27.86 7.83
C VAL A 143 25.76 -29.00 7.09
N ILE A 144 25.87 -29.01 5.78
CA ILE A 144 25.25 -30.09 4.97
C ILE A 144 25.77 -31.49 5.36
N LYS A 145 27.08 -31.63 5.46
CA LYS A 145 27.66 -32.90 5.91
C LYS A 145 27.07 -33.34 7.21
N THR A 146 26.92 -32.43 8.18
CA THR A 146 26.38 -32.78 9.46
C THR A 146 24.91 -33.18 9.40
N LEU A 147 24.12 -32.43 8.63
CA LEU A 147 22.71 -32.75 8.52
C LEU A 147 22.51 -34.11 7.88
N LYS A 148 23.24 -34.36 6.81
CA LYS A 148 23.18 -35.70 6.17
C LYS A 148 23.51 -36.82 7.16
N SER A 149 24.58 -36.65 7.91
CA SER A 149 24.99 -37.68 8.86
C SER A 149 24.00 -37.81 9.99
N GLU A 150 23.30 -36.74 10.34
CA GLU A 150 22.19 -36.79 11.30
C GLU A 150 20.89 -37.40 10.79
N GLY A 151 20.80 -37.74 9.51
CA GLY A 151 19.65 -38.42 8.93
C GLY A 151 18.72 -37.54 8.07
N PHE A 152 19.11 -36.29 7.82
CA PHE A 152 18.29 -35.38 7.03
C PHE A 152 18.48 -35.55 5.54
N THR A 153 17.42 -35.25 4.80
CA THR A 153 17.48 -35.07 3.36
C THR A 153 17.49 -33.58 3.15
N CYS A 154 18.53 -33.12 2.45
CA CYS A 154 18.79 -31.69 2.25
C CYS A 154 18.43 -31.20 0.86
N VAL A 155 18.17 -29.90 0.75
CA VAL A 155 18.08 -29.24 -0.54
C VAL A 155 19.02 -28.05 -0.51
N LEU A 156 20.01 -28.01 -1.37
CA LEU A 156 20.88 -26.86 -1.50
C LEU A 156 20.10 -25.76 -2.18
N ALA A 157 19.97 -24.63 -1.51
CA ALA A 157 19.16 -23.51 -2.02
C ALA A 157 19.99 -22.23 -2.13
N MET A 158 19.88 -21.60 -3.28
CA MET A 158 20.38 -20.24 -3.45
C MET A 158 19.34 -19.35 -4.15
N HIS A 159 19.51 -18.03 -3.97
CA HIS A 159 18.73 -17.05 -4.68
C HIS A 159 19.72 -16.12 -5.39
N PHE A 160 19.42 -15.82 -6.65
CA PHE A 160 20.22 -14.90 -7.45
C PHE A 160 19.94 -13.48 -7.07
N ALA A 161 20.98 -12.67 -6.99
CA ALA A 161 20.80 -11.27 -6.68
C ALA A 161 20.34 -10.40 -7.87
N ASN A 162 20.79 -10.72 -9.07
CA ASN A 162 20.65 -9.87 -10.26
C ASN A 162 20.30 -10.70 -11.48
N ALA A 163 19.47 -11.74 -11.30
CA ALA A 163 19.07 -12.56 -12.46
C ALA A 163 18.26 -11.78 -13.49
N ASP A 164 17.57 -10.75 -13.02
CA ASP A 164 16.81 -9.88 -13.90
C ASP A 164 17.61 -9.08 -14.92
N VAL A 165 18.95 -9.01 -14.84
CA VAL A 165 19.74 -8.25 -15.82
C VAL A 165 21.01 -9.01 -16.13
N ASP A 166 21.83 -8.49 -17.06
CA ASP A 166 23.17 -9.05 -17.24
C ASP A 166 24.06 -8.40 -16.23
N HIS A 167 24.72 -9.21 -15.43
CA HIS A 167 25.48 -8.70 -14.31
C HIS A 167 26.58 -9.71 -14.01
N PRO A 168 27.82 -9.26 -13.69
CA PRO A 168 28.92 -10.18 -13.37
C PRO A 168 28.76 -11.03 -12.10
N LEU A 169 27.96 -10.56 -11.16
CA LEU A 169 27.71 -11.32 -9.94
C LEU A 169 26.84 -12.57 -10.25
N ASN A 170 26.08 -12.57 -11.35
CA ASN A 170 25.39 -13.80 -11.76
C ASN A 170 26.37 -14.97 -12.00
N GLU A 171 27.49 -14.76 -12.70
CA GLU A 171 28.49 -15.85 -12.89
C GLU A 171 29.15 -16.25 -11.59
N GLN A 172 29.55 -15.29 -10.78
CA GLN A 172 30.14 -15.62 -9.49
C GLN A 172 29.19 -16.53 -8.66
N GLN A 173 27.90 -16.17 -8.66
CA GLN A 173 26.89 -16.95 -7.97
C GLN A 173 26.66 -18.32 -8.63
N LYS A 174 26.64 -18.42 -9.97
CA LYS A 174 26.42 -19.72 -10.61
C LYS A 174 27.55 -20.67 -10.20
N GLN A 175 28.79 -20.19 -10.35
CA GLN A 175 30.00 -21.00 -10.05
C GLN A 175 30.12 -21.37 -8.57
N GLN A 176 29.78 -20.45 -7.69
CA GLN A 176 29.73 -20.77 -6.26
C GLN A 176 28.70 -21.92 -6.00
N PHE A 177 27.51 -21.79 -6.58
CA PHE A 177 26.47 -22.80 -6.44
C PHE A 177 26.89 -24.18 -7.00
N LEU A 178 27.49 -24.21 -8.19
CA LEU A 178 27.94 -25.50 -8.81
C LEU A 178 29.08 -26.13 -8.01
N HIS A 179 29.98 -25.32 -7.47
CA HIS A 179 31.06 -25.81 -6.61
C HIS A 179 30.48 -26.49 -5.40
N ILE A 180 29.46 -25.89 -4.79
CA ILE A 180 28.93 -26.46 -3.59
C ILE A 180 28.12 -27.69 -3.93
N LYS A 181 27.34 -27.63 -4.99
CA LYS A 181 26.56 -28.77 -5.48
C LYS A 181 27.52 -29.98 -5.67
N GLU A 182 28.53 -29.80 -6.54
CA GLU A 182 29.55 -30.82 -6.79
C GLU A 182 30.11 -31.37 -5.52
N THR A 183 30.54 -30.48 -4.65
CA THR A 183 31.12 -30.88 -3.35
C THR A 183 30.16 -31.68 -2.42
N CYS A 184 28.87 -31.41 -2.48
CA CYS A 184 27.89 -32.03 -1.59
C CYS A 184 27.03 -33.06 -2.28
N ASP A 185 27.22 -33.28 -3.57
CA ASP A 185 26.43 -34.30 -4.25
C ASP A 185 26.74 -35.66 -3.61
N PRO A 186 25.79 -36.58 -3.58
CA PRO A 186 24.45 -36.41 -4.14
C PRO A 186 23.54 -35.52 -3.27
N ILE A 187 22.92 -34.50 -3.88
CA ILE A 187 22.02 -33.61 -3.15
C ILE A 187 21.00 -32.97 -4.10
N LEU A 188 19.80 -32.74 -3.58
CA LEU A 188 18.83 -31.99 -4.30
C LEU A 188 19.27 -30.54 -4.32
N ALA A 189 18.79 -29.82 -5.34
CA ALA A 189 19.13 -28.43 -5.48
C ALA A 189 18.00 -27.58 -6.09
N SER A 190 18.07 -26.29 -5.76
CA SER A 190 17.06 -25.31 -6.17
C SER A 190 17.69 -23.91 -6.20
N CYS A 191 17.61 -23.28 -7.37
CA CYS A 191 18.06 -21.88 -7.42
C CYS A 191 17.33 -20.92 -8.37
N CYS A 192 16.42 -21.38 -9.21
CA CYS A 192 15.77 -20.49 -10.16
C CYS A 192 14.52 -19.78 -9.64
N ASN A 193 14.60 -18.47 -9.62
CA ASN A 193 13.44 -17.56 -9.52
C ASN A 193 12.85 -17.41 -10.93
N SER A 194 11.89 -16.51 -11.14
CA SER A 194 11.26 -16.36 -12.41
C SER A 194 12.29 -16.01 -13.49
N ALA A 195 13.17 -15.08 -13.17
CA ALA A 195 14.15 -14.63 -14.17
C ALA A 195 15.05 -15.78 -14.64
N ALA A 196 15.55 -16.54 -13.68
CA ALA A 196 16.40 -17.69 -13.96
C ALA A 196 15.65 -18.82 -14.70
N ILE A 197 14.34 -19.01 -14.40
CA ILE A 197 13.54 -19.96 -15.20
C ILE A 197 13.60 -19.58 -16.70
N PHE A 198 13.52 -18.29 -17.03
CA PHE A 198 13.58 -17.86 -18.42
C PHE A 198 15.01 -17.97 -18.98
N LYS A 199 15.98 -17.61 -18.17
CA LYS A 199 17.35 -17.52 -18.67
C LYS A 199 18.24 -18.76 -18.58
N TRP A 200 18.10 -19.57 -17.54
CA TRP A 200 19.07 -20.61 -17.25
C TRP A 200 18.42 -21.94 -16.93
N PRO A 201 17.79 -22.59 -17.93
CA PRO A 201 17.18 -23.90 -17.65
C PRO A 201 18.20 -24.91 -17.18
N GLU A 202 19.47 -24.72 -17.51
CA GLU A 202 20.54 -25.64 -17.04
C GLU A 202 20.71 -25.64 -15.52
N LEU A 203 20.21 -24.60 -14.87
CA LEU A 203 20.20 -24.51 -13.38
C LEU A 203 18.87 -24.88 -12.72
N ASN A 204 17.96 -25.51 -13.44
CA ASN A 204 16.68 -25.91 -12.87
C ASN A 204 16.85 -26.92 -11.74
N PHE A 205 17.73 -27.91 -11.95
CA PHE A 205 17.85 -29.03 -10.99
C PHE A 205 16.49 -29.57 -10.52
N ASP A 206 16.31 -29.76 -9.21
CA ASP A 206 15.13 -30.51 -8.71
C ASP A 206 13.89 -29.65 -8.44
N TYR A 207 14.10 -28.42 -8.02
CA TYR A 207 13.02 -27.49 -7.68
C TYR A 207 13.31 -26.09 -8.24
N VAL A 208 12.35 -25.54 -8.98
CA VAL A 208 12.35 -24.14 -9.36
C VAL A 208 11.31 -23.41 -8.46
N ARG A 209 11.51 -22.12 -8.31
CA ARG A 209 10.72 -21.28 -7.40
C ARG A 209 10.20 -20.03 -8.11
N PRO A 210 9.27 -20.20 -9.05
CA PRO A 210 8.69 -19.03 -9.63
C PRO A 210 7.83 -18.20 -8.67
N GLY A 211 8.01 -16.90 -8.72
CA GLY A 211 7.06 -15.96 -8.11
C GLY A 211 6.35 -15.03 -9.09
N ILE A 212 7.01 -13.91 -9.39
CA ILE A 212 6.38 -12.87 -10.18
C ILE A 212 5.74 -13.38 -11.48
N MET A 213 6.37 -14.33 -12.16
CA MET A 213 5.78 -14.78 -13.43
C MET A 213 4.40 -15.46 -13.28
N LEU A 214 4.16 -16.06 -12.13
CA LEU A 214 2.83 -16.66 -11.86
C LEU A 214 1.69 -15.65 -11.98
N TYR A 215 2.01 -14.39 -11.59
CA TYR A 215 1.07 -13.29 -11.50
C TYR A 215 0.96 -12.49 -12.82
N GLY A 216 1.69 -12.93 -13.84
CA GLY A 216 1.62 -12.27 -15.12
C GLY A 216 2.14 -10.87 -15.05
N ALA A 217 3.25 -10.71 -14.38
CA ALA A 217 4.03 -9.52 -14.42
C ALA A 217 5.46 -9.97 -14.75
N SER A 218 6.26 -9.03 -15.23
CA SER A 218 7.62 -9.33 -15.76
C SER A 218 8.76 -9.28 -14.76
N PRO A 219 9.63 -10.30 -14.76
CA PRO A 219 10.86 -10.19 -13.93
C PRO A 219 11.96 -9.29 -14.57
N PHE A 220 11.71 -8.80 -15.78
CA PHE A 220 12.74 -8.11 -16.60
C PHE A 220 12.28 -6.69 -16.96
N ALA A 221 13.19 -5.73 -16.81
CA ALA A 221 12.91 -4.33 -17.15
C ALA A 221 12.73 -4.14 -18.63
N ASP A 222 13.37 -4.99 -19.44
CA ASP A 222 13.37 -4.84 -20.87
C ASP A 222 12.47 -5.88 -21.60
N LYS A 223 11.60 -6.57 -20.87
CA LYS A 223 10.68 -7.49 -21.51
C LYS A 223 9.30 -7.28 -20.97
N THR A 224 8.32 -7.25 -21.87
CA THR A 224 6.92 -7.21 -21.49
C THR A 224 6.40 -8.61 -21.27
N VAL A 225 5.27 -8.72 -20.58
CA VAL A 225 4.64 -10.02 -20.39
C VAL A 225 4.21 -10.64 -21.71
N HIS A 226 3.91 -9.79 -22.69
CA HIS A 226 3.64 -10.28 -24.02
C HIS A 226 4.84 -10.95 -24.66
N ASP A 227 6.01 -10.35 -24.47
CA ASP A 227 7.27 -10.96 -24.95
C ASP A 227 7.54 -12.29 -24.29
N LEU A 228 7.08 -12.42 -23.05
CA LEU A 228 7.34 -13.59 -22.27
C LEU A 228 6.28 -14.63 -22.32
N ASP A 229 5.18 -14.34 -23.01
CA ASP A 229 3.97 -15.14 -23.07
C ASP A 229 3.42 -15.45 -21.66
N LEU A 230 3.21 -14.37 -20.90
CA LEU A 230 2.51 -14.48 -19.60
C LEU A 230 1.21 -13.67 -19.62
N LYS A 231 0.21 -14.13 -18.85
CA LYS A 231 -1.08 -13.45 -18.79
C LYS A 231 -1.26 -12.66 -17.48
N PRO A 232 -1.42 -11.32 -17.58
CA PRO A 232 -1.67 -10.55 -16.34
C PRO A 232 -2.82 -11.16 -15.55
N VAL A 233 -2.62 -11.32 -14.25
CA VAL A 233 -3.63 -11.92 -13.41
C VAL A 233 -4.56 -10.84 -12.79
N MET A 234 -3.96 -9.76 -12.31
CA MET A 234 -4.70 -8.71 -11.65
C MET A 234 -5.12 -7.59 -12.61
N THR A 235 -6.41 -7.25 -12.56
CA THR A 235 -6.89 -5.97 -13.09
C THR A 235 -7.37 -5.07 -11.95
N PHE A 236 -6.87 -3.84 -11.92
CA PHE A 236 -7.19 -2.88 -10.84
C PHE A 236 -8.02 -1.78 -11.53
N THR A 237 -9.30 -1.67 -11.13
CA THR A 237 -10.21 -0.67 -11.70
C THR A 237 -10.85 0.33 -10.73
N ALA A 238 -11.34 1.43 -11.29
CA ALA A 238 -12.18 2.40 -10.59
C ALA A 238 -13.13 3.05 -11.63
N GLU A 239 -13.86 4.07 -11.26
CA GLU A 239 -14.81 4.72 -12.15
C GLU A 239 -14.68 6.23 -12.12
N ILE A 240 -15.13 6.80 -13.23
CA ILE A 240 -15.28 8.26 -13.31
C ILE A 240 -16.40 8.78 -12.43
N ILE A 241 -16.08 9.73 -11.56
CA ILE A 241 -17.03 10.29 -10.59
C ILE A 241 -17.39 11.75 -10.83
N ALA A 242 -16.62 12.43 -11.69
CA ALA A 242 -16.87 13.81 -12.07
C ALA A 242 -16.24 14.17 -13.40
N LEU A 243 -16.91 15.07 -14.14
CA LEU A 243 -16.41 15.59 -15.38
C LEU A 243 -16.28 17.09 -15.34
N ASN A 244 -15.25 17.63 -15.97
CA ASN A 244 -14.94 19.03 -15.83
C ASN A 244 -14.31 19.56 -17.10
N HIS A 245 -14.88 20.62 -17.70
CA HIS A 245 -14.23 21.26 -18.86
C HIS A 245 -13.43 22.45 -18.32
N ILE A 246 -12.12 22.47 -18.56
CA ILE A 246 -11.26 23.56 -18.10
C ILE A 246 -10.65 24.36 -19.27
N GLU A 247 -10.33 25.64 -18.99
CA GLU A 247 -9.74 26.59 -19.98
C GLU A 247 -8.23 26.66 -19.91
N ALA A 248 -7.58 27.01 -21.03
CA ALA A 248 -6.13 27.26 -21.06
C ALA A 248 -5.63 28.06 -19.83
N GLY A 249 -4.55 27.61 -19.21
CA GLY A 249 -3.95 28.28 -18.03
C GLY A 249 -4.48 27.83 -16.65
N GLU A 250 -5.59 27.09 -16.62
CA GLU A 250 -6.11 26.53 -15.36
C GLU A 250 -5.26 25.36 -14.85
N HIS A 251 -5.10 25.26 -13.52
CA HIS A 251 -4.30 24.19 -12.91
C HIS A 251 -5.17 23.03 -12.42
N VAL A 252 -4.56 21.86 -12.21
CA VAL A 252 -5.30 20.72 -11.70
C VAL A 252 -4.59 20.10 -10.51
N GLY A 253 -5.37 19.86 -9.45
CA GLY A 253 -4.94 19.08 -8.28
C GLY A 253 -4.23 19.82 -7.16
N TYR A 254 -3.96 19.08 -6.09
CA TYR A 254 -3.07 19.50 -5.02
C TYR A 254 -1.74 19.80 -5.66
N GLY A 255 -1.07 20.85 -5.19
CA GLY A 255 0.19 21.29 -5.78
C GLY A 255 0.09 22.12 -7.07
N SER A 256 -1.07 22.15 -7.71
CA SER A 256 -1.26 22.86 -8.99
C SER A 256 -0.09 22.56 -9.96
N THR A 257 0.33 21.29 -9.98
CA THR A 257 1.52 20.89 -10.73
C THR A 257 1.22 20.76 -12.22
N PHE A 258 -0.07 20.80 -12.59
CA PHE A 258 -0.45 20.68 -13.98
C PHE A 258 -1.20 21.92 -14.42
N CYS A 259 -0.72 22.51 -15.51
CA CYS A 259 -1.32 23.68 -16.12
C CYS A 259 -1.88 23.30 -17.49
N ALA A 260 -3.15 23.62 -17.76
CA ALA A 260 -3.72 23.35 -19.10
C ALA A 260 -3.13 24.28 -20.19
N GLN A 261 -2.48 23.72 -21.20
CA GLN A 261 -1.91 24.50 -22.32
C GLN A 261 -2.95 24.74 -23.48
N GLN A 262 -4.13 24.14 -23.38
CA GLN A 262 -5.28 24.39 -24.29
C GLN A 262 -6.49 24.09 -23.46
N ALA A 263 -7.68 24.38 -23.96
CA ALA A 263 -8.88 23.96 -23.27
C ALA A 263 -8.99 22.41 -23.28
N MET A 264 -9.56 21.84 -22.22
CA MET A 264 -9.61 20.39 -22.12
C MET A 264 -10.69 19.86 -21.20
N ASP A 265 -10.96 18.57 -21.35
CA ASP A 265 -11.92 17.82 -20.54
C ASP A 265 -11.12 16.94 -19.58
N ILE A 266 -11.51 16.99 -18.31
CA ILE A 266 -10.87 16.31 -17.21
C ILE A 266 -11.90 15.40 -16.62
N ALA A 267 -11.51 14.20 -16.24
CA ALA A 267 -12.40 13.37 -15.43
C ALA A 267 -11.71 13.08 -14.07
N ILE A 268 -12.54 13.01 -13.02
CA ILE A 268 -12.06 12.59 -11.74
C ILE A 268 -12.44 11.11 -11.57
N VAL A 269 -11.46 10.33 -11.08
CA VAL A 269 -11.62 8.92 -10.93
C VAL A 269 -11.55 8.53 -9.45
N SER A 270 -12.32 7.52 -9.05
CA SER A 270 -12.41 7.12 -7.69
C SER A 270 -11.29 6.13 -7.31
N ILE A 271 -10.06 6.58 -7.40
CA ILE A 271 -8.93 5.85 -6.81
C ILE A 271 -7.88 6.82 -6.38
N GLY A 272 -7.09 6.47 -5.34
CA GLY A 272 -5.91 7.26 -5.00
C GLY A 272 -4.96 6.44 -4.17
N TYR A 273 -4.01 7.09 -3.50
CA TYR A 273 -3.00 6.34 -2.79
C TYR A 273 -3.54 5.68 -1.57
N GLY A 274 -4.72 6.10 -1.09
CA GLY A 274 -5.43 5.42 -0.01
C GLY A 274 -6.00 4.07 -0.40
N ASP A 275 -6.07 3.82 -1.71
CA ASP A 275 -6.38 2.49 -2.23
C ASP A 275 -5.14 1.69 -2.61
N GLY A 276 -4.00 2.33 -2.55
CA GLY A 276 -2.75 1.73 -3.00
C GLY A 276 -2.36 2.08 -4.43
N TYR A 277 -3.08 3.01 -5.08
CA TYR A 277 -2.58 3.53 -6.34
C TYR A 277 -1.43 4.51 -6.06
N PRO A 278 -0.26 4.35 -6.72
CA PRO A 278 0.92 5.09 -6.27
C PRO A 278 0.81 6.57 -6.57
N ARG A 279 1.42 7.39 -5.72
CA ARG A 279 1.28 8.83 -5.78
C ARG A 279 2.31 9.49 -6.65
N ALA A 280 3.56 9.12 -6.48
CA ALA A 280 4.64 9.98 -6.96
C ALA A 280 5.28 9.42 -8.25
N TYR A 281 5.15 10.14 -9.34
CA TYR A 281 5.60 9.66 -10.63
C TYR A 281 6.82 10.39 -11.10
N VAL A 282 7.66 9.71 -11.86
CA VAL A 282 8.88 10.32 -12.39
C VAL A 282 8.86 10.55 -13.94
N LYS A 283 7.81 10.01 -14.57
CA LYS A 283 7.50 10.18 -15.99
C LYS A 283 6.00 10.20 -16.01
N GLN A 284 5.42 10.54 -17.15
CA GLN A 284 3.96 10.58 -17.32
C GLN A 284 3.33 9.15 -17.21
N ASN A 285 2.23 9.06 -16.48
CA ASN A 285 1.53 7.80 -16.33
C ASN A 285 0.19 7.90 -17.04
N PHE A 286 -0.37 6.75 -17.38
CA PHE A 286 -1.61 6.65 -18.12
C PHE A 286 -2.53 5.64 -17.44
N VAL A 287 -3.83 5.81 -17.67
CA VAL A 287 -4.81 4.78 -17.40
C VAL A 287 -5.43 4.30 -18.74
N ALA A 288 -6.14 3.18 -18.70
CA ALA A 288 -6.76 2.63 -19.89
C ALA A 288 -8.25 2.79 -19.78
N ILE A 289 -8.86 3.41 -20.79
CA ILE A 289 -10.31 3.67 -20.81
C ILE A 289 -10.80 3.53 -22.25
N ASP A 290 -11.85 2.74 -22.48
CA ASP A 290 -12.56 2.65 -23.76
C ASP A 290 -11.58 2.29 -24.91
N GLY A 291 -10.57 1.46 -24.62
CA GLY A 291 -9.54 1.12 -25.60
C GLY A 291 -8.48 2.15 -25.88
N LYS A 292 -8.46 3.23 -25.10
CA LYS A 292 -7.43 4.26 -25.21
C LYS A 292 -6.61 4.36 -23.94
N LEU A 293 -5.55 5.11 -24.04
CA LEU A 293 -4.69 5.42 -22.92
C LEU A 293 -4.88 6.89 -22.68
N CYS A 294 -5.14 7.28 -21.42
CA CYS A 294 -5.36 8.65 -21.01
C CYS A 294 -4.39 9.07 -19.91
N PRO A 295 -3.71 10.21 -20.09
CA PRO A 295 -2.76 10.63 -19.09
C PRO A 295 -3.39 11.04 -17.75
N VAL A 296 -2.70 10.66 -16.68
CA VAL A 296 -3.01 11.09 -15.34
C VAL A 296 -2.43 12.52 -15.22
N VAL A 297 -3.23 13.47 -14.74
CA VAL A 297 -2.82 14.86 -14.72
C VAL A 297 -2.83 15.43 -13.33
N GLY A 298 -1.81 16.21 -13.03
CA GLY A 298 -1.69 16.81 -11.69
C GLY A 298 -1.42 15.73 -10.64
N ARG A 299 -1.46 16.08 -9.36
CA ARG A 299 -1.13 15.10 -8.33
C ARG A 299 -2.24 14.07 -8.03
N VAL A 300 -1.78 12.91 -7.56
CA VAL A 300 -2.66 11.85 -7.06
C VAL A 300 -2.97 12.15 -5.59
N SER A 301 -4.25 12.17 -5.22
CA SER A 301 -4.60 12.41 -3.82
C SER A 301 -4.93 11.07 -3.12
N MET A 302 -5.36 11.15 -1.88
CA MET A 302 -5.64 9.95 -1.13
C MET A 302 -6.72 9.12 -1.81
N ASP A 303 -7.81 9.78 -2.27
CA ASP A 303 -9.02 9.15 -2.74
C ASP A 303 -9.37 9.36 -4.21
N MET A 304 -8.64 10.20 -4.89
CA MET A 304 -9.00 10.60 -6.24
C MET A 304 -7.79 10.89 -7.12
N ILE A 305 -7.97 10.67 -8.42
CA ILE A 305 -7.02 11.11 -9.44
C ILE A 305 -7.77 11.85 -10.54
N ALA A 306 -7.00 12.66 -11.31
CA ALA A 306 -7.54 13.34 -12.47
C ALA A 306 -6.87 12.81 -13.75
N ILE A 307 -7.67 12.66 -14.81
CA ILE A 307 -7.21 12.19 -16.09
C ILE A 307 -7.68 13.14 -17.20
N ASP A 308 -6.85 13.26 -18.22
CA ASP A 308 -7.21 14.02 -19.40
C ASP A 308 -8.00 13.13 -20.33
N VAL A 309 -9.29 13.47 -20.50
CA VAL A 309 -10.19 12.71 -21.33
C VAL A 309 -10.58 13.48 -22.59
N THR A 310 -9.88 14.56 -22.88
CA THR A 310 -10.18 15.35 -24.07
C THR A 310 -10.43 14.47 -25.31
N ASN A 311 -9.56 13.49 -25.55
CA ASN A 311 -9.63 12.65 -26.77
C ASN A 311 -10.48 11.38 -26.67
N THR A 312 -11.20 11.17 -25.56
CA THR A 312 -11.82 9.88 -25.25
C THR A 312 -13.27 10.06 -24.79
N GLN A 313 -14.18 9.28 -25.36
CA GLN A 313 -15.58 9.38 -24.98
C GLN A 313 -15.84 8.70 -23.66
N VAL A 314 -16.35 9.46 -22.69
CA VAL A 314 -16.57 8.94 -21.36
C VAL A 314 -17.87 9.50 -20.83
N LYS A 315 -18.30 8.88 -19.75
CA LYS A 315 -19.41 9.35 -19.00
C LYS A 315 -19.14 9.15 -17.52
N LEU A 316 -20.02 9.71 -16.71
CA LEU A 316 -20.06 9.40 -15.28
C LEU A 316 -20.34 7.89 -15.18
N GLY A 317 -19.53 7.19 -14.38
CA GLY A 317 -19.63 5.73 -14.25
C GLY A 317 -18.73 4.95 -15.18
N THR A 318 -18.09 5.60 -16.13
CA THR A 318 -17.20 4.88 -17.06
C THR A 318 -16.05 4.25 -16.27
N GLN A 319 -15.75 3.02 -16.66
CA GLN A 319 -14.81 2.16 -15.98
C GLN A 319 -13.44 2.55 -16.44
N VAL A 320 -12.50 2.60 -15.52
CA VAL A 320 -11.16 3.05 -15.77
C VAL A 320 -10.17 1.99 -15.22
N GLU A 321 -9.26 1.54 -16.07
CA GLU A 321 -8.30 0.52 -15.69
C GLU A 321 -6.98 1.15 -15.26
N LEU A 322 -6.58 0.89 -14.03
CA LEU A 322 -5.33 1.43 -13.50
C LEU A 322 -4.18 0.53 -13.88
N TRP A 323 -4.39 -0.77 -13.81
CA TRP A 323 -3.54 -1.68 -14.52
C TRP A 323 -4.26 -2.98 -14.71
N GLY A 324 -3.78 -3.78 -15.66
CA GLY A 324 -4.40 -5.04 -16.01
C GLY A 324 -3.92 -5.49 -17.40
N ASN A 325 -4.82 -5.92 -18.26
CA ASN A 325 -4.37 -6.37 -19.60
C ASN A 325 -4.10 -5.23 -20.61
N HIS A 326 -4.62 -4.02 -20.35
CA HIS A 326 -4.49 -2.91 -21.29
C HIS A 326 -3.49 -1.90 -20.84
N ARG A 327 -3.45 -1.55 -19.57
CA ARG A 327 -2.30 -0.78 -19.02
C ARG A 327 -1.50 -1.74 -18.13
N LEU A 328 -0.29 -2.04 -18.54
CA LEU A 328 0.49 -3.10 -17.88
C LEU A 328 1.07 -2.60 -16.57
N VAL A 329 0.88 -3.39 -15.50
CA VAL A 329 1.37 -3.01 -14.17
C VAL A 329 2.84 -2.62 -14.19
N ASP A 330 3.70 -3.30 -14.97
CA ASP A 330 5.14 -2.90 -15.04
C ASP A 330 5.39 -1.54 -15.74
N ASP A 331 4.51 -1.10 -16.63
CA ASP A 331 4.62 0.25 -17.19
C ASP A 331 4.23 1.30 -16.13
N VAL A 332 3.18 1.03 -15.38
CA VAL A 332 2.81 1.91 -14.25
C VAL A 332 3.97 1.97 -13.25
N ALA A 333 4.51 0.81 -12.90
CA ALA A 333 5.70 0.81 -12.03
C ALA A 333 6.87 1.69 -12.52
N GLU A 334 7.19 1.54 -13.77
CA GLU A 334 8.31 2.29 -14.34
C GLU A 334 8.03 3.79 -14.26
N ALA A 335 6.81 4.23 -14.55
CA ALA A 335 6.46 5.64 -14.37
C ALA A 335 6.53 6.11 -12.93
N ASN A 336 6.34 5.18 -12.01
CA ASN A 336 6.39 5.43 -10.55
C ASN A 336 7.77 5.29 -9.99
N GLY A 337 8.77 4.94 -10.81
CA GLY A 337 10.17 4.79 -10.38
C GLY A 337 10.42 3.49 -9.58
N THR A 338 9.58 2.48 -9.76
CA THR A 338 9.78 1.21 -9.04
C THR A 338 9.44 0.00 -9.94
N ILE A 339 9.11 -1.13 -9.35
CA ILE A 339 8.90 -2.38 -10.07
C ILE A 339 7.51 -2.92 -9.77
N GLY A 340 7.03 -3.75 -10.67
CA GLY A 340 5.67 -4.27 -10.57
C GLY A 340 5.34 -4.97 -9.30
N TYR A 341 6.31 -5.74 -8.82
CA TYR A 341 6.21 -6.45 -7.58
C TYR A 341 5.68 -5.53 -6.48
N GLU A 342 6.21 -4.32 -6.41
CA GLU A 342 5.83 -3.40 -5.32
C GLU A 342 4.40 -2.90 -5.44
N LEU A 343 3.93 -2.64 -6.67
CA LEU A 343 2.57 -2.12 -6.88
C LEU A 343 1.55 -3.19 -6.48
N LEU A 344 1.91 -4.42 -6.78
CA LEU A 344 1.02 -5.53 -6.56
C LEU A 344 0.85 -5.80 -5.07
N CYS A 345 1.90 -5.51 -4.30
CA CYS A 345 1.96 -5.79 -2.85
C CYS A 345 1.48 -4.67 -1.94
N ARG A 346 1.30 -3.43 -2.43
CA ARG A 346 1.00 -2.29 -1.52
C ARG A 346 -0.37 -1.63 -1.82
N LEU A 347 -1.35 -2.46 -2.14
CA LEU A 347 -2.75 -2.04 -2.25
C LEU A 347 -3.36 -2.07 -0.87
N SER A 348 -4.32 -1.22 -0.62
CA SER A 348 -4.90 -1.19 0.68
C SER A 348 -6.10 -2.15 0.69
N SER A 349 -6.78 -2.20 1.84
CA SER A 349 -7.98 -3.03 1.98
C SER A 349 -9.22 -2.34 1.41
N ARG A 350 -9.14 -1.10 0.93
CA ARG A 350 -10.35 -0.38 0.50
C ARG A 350 -10.97 -1.01 -0.78
N PRO A 351 -10.16 -1.23 -1.85
CA PRO A 351 -10.78 -1.90 -3.00
C PRO A 351 -11.45 -3.24 -2.72
N VAL A 352 -12.58 -3.49 -3.36
CA VAL A 352 -13.23 -4.81 -3.30
C VAL A 352 -12.47 -5.82 -4.15
N ARG A 353 -12.23 -7.02 -3.59
CA ARG A 353 -11.59 -8.09 -4.33
C ARG A 353 -12.66 -8.99 -4.94
N GLN A 354 -12.50 -9.29 -6.22
CA GLN A 354 -13.38 -10.19 -6.98
C GLN A 354 -12.57 -11.22 -7.77
N GLY A 355 -12.79 -12.51 -7.51
CA GLY A 355 -12.16 -13.57 -8.33
C GLY A 355 -12.87 -13.73 -9.68
N THR A 356 -12.09 -13.92 -10.77
CA THR A 356 -12.70 -14.31 -12.06
C THR A 356 -12.18 -15.64 -12.63
N MET B 1 7.56 -16.38 15.95
CA MET B 1 6.78 -15.85 14.81
C MET B 1 7.60 -14.69 14.21
N ARG B 2 7.50 -14.50 12.90
CA ARG B 2 8.07 -13.30 12.27
C ARG B 2 7.44 -12.06 12.94
N GLN B 3 8.31 -11.09 13.25
CA GLN B 3 7.88 -9.87 13.93
C GLN B 3 7.88 -8.65 12.99
N ALA B 4 6.70 -8.10 12.74
CA ALA B 4 6.51 -6.87 11.95
C ALA B 4 5.28 -6.23 12.60
N THR B 5 5.37 -5.07 13.18
CA THR B 5 4.31 -4.61 14.09
C THR B 5 3.94 -3.15 13.84
N VAL B 6 2.64 -2.85 13.87
CA VAL B 6 2.14 -1.47 13.77
C VAL B 6 1.49 -1.14 15.12
N TYR B 7 2.05 -0.15 15.80
CA TYR B 7 1.55 0.38 17.05
C TYR B 7 0.92 1.74 16.83
N ILE B 8 -0.21 1.96 17.46
CA ILE B 8 -1.00 3.20 17.40
C ILE B 8 -1.04 3.84 18.79
N ASP B 9 -0.49 5.05 18.96
CA ASP B 9 -0.42 5.69 20.29
C ASP B 9 -1.67 6.56 20.46
N ARG B 10 -2.62 6.08 21.27
CA ARG B 10 -3.88 6.80 21.53
C ARG B 10 -3.69 8.15 22.20
N GLN B 11 -2.71 8.25 23.08
CA GLN B 11 -2.44 9.50 23.77
C GLN B 11 -1.95 10.55 22.76
N ALA B 12 -1.20 10.10 21.75
CA ALA B 12 -0.69 11.01 20.72
C ALA B 12 -1.89 11.55 19.89
N LEU B 13 -2.84 10.67 19.58
CA LEU B 13 -4.09 11.09 18.87
C LEU B 13 -4.81 12.19 19.61
N GLN B 14 -4.98 12.00 20.92
CA GLN B 14 -5.65 12.95 21.80
C GLN B 14 -4.89 14.24 21.86
N TYR B 15 -3.57 14.14 21.95
CA TYR B 15 -2.76 15.33 21.97
C TYR B 15 -2.94 16.19 20.70
N ASN B 16 -2.97 15.52 19.55
CA ASN B 16 -2.99 16.22 18.30
C ASN B 16 -4.35 16.81 18.07
N LEU B 17 -5.40 16.06 18.43
CA LEU B 17 -6.75 16.60 18.38
C LEU B 17 -6.84 17.88 19.27
N ASN B 18 -6.15 17.86 20.41
CA ASN B 18 -6.11 19.03 21.24
C ASN B 18 -5.36 20.18 20.59
N ARG B 19 -4.33 19.89 19.80
CA ARG B 19 -3.63 20.92 19.05
C ARG B 19 -4.61 21.62 18.09
N VAL B 20 -5.49 20.84 17.44
CA VAL B 20 -6.58 21.38 16.63
C VAL B 20 -7.43 22.36 17.46
N LYS B 21 -7.88 21.94 18.64
CA LYS B 21 -8.67 22.84 19.51
C LYS B 21 -7.95 24.11 19.87
N GLN B 22 -6.65 24.02 20.10
CA GLN B 22 -5.83 25.20 20.36
C GLN B 22 -5.69 26.14 19.19
N LEU B 23 -5.45 25.59 17.99
CA LEU B 23 -5.26 26.41 16.81
C LEU B 23 -6.60 26.92 16.18
N ALA B 24 -7.70 26.22 16.42
CA ALA B 24 -9.03 26.52 15.83
C ALA B 24 -10.05 26.51 16.95
N ALA B 25 -9.92 27.49 17.82
CA ALA B 25 -10.52 27.44 19.14
C ALA B 25 -12.02 27.44 19.12
N ASN B 26 -12.63 28.03 18.12
CA ASN B 26 -14.08 28.10 18.17
C ASN B 26 -14.89 27.20 17.23
N SER B 27 -14.23 26.48 16.32
CA SER B 27 -14.91 25.66 15.32
C SER B 27 -15.19 24.24 15.79
N LYS B 28 -16.21 23.65 15.21
CA LYS B 28 -16.42 22.21 15.29
C LYS B 28 -15.34 21.54 14.43
N ILE B 29 -14.97 20.33 14.81
CA ILE B 29 -13.88 19.61 14.17
C ILE B 29 -14.43 18.33 13.52
N VAL B 30 -14.24 18.23 12.21
CA VAL B 30 -14.56 17.05 11.43
C VAL B 30 -13.23 16.33 11.32
N SER B 31 -13.02 15.28 12.12
CA SER B 31 -11.73 14.54 12.04
C SER B 31 -11.71 13.68 10.81
N MET B 32 -10.71 13.86 9.94
CA MET B 32 -10.72 13.05 8.71
C MET B 32 -10.06 11.65 8.98
N VAL B 33 -10.86 10.63 8.81
CA VAL B 33 -10.56 9.24 9.13
C VAL B 33 -10.83 8.32 7.91
N1 LLP B 34 -10.83 18.02 3.69
C2 LLP B 34 -11.23 17.16 2.79
C2' LLP B 34 -12.43 17.43 1.86
C3 LLP B 34 -10.47 15.91 2.62
O3 LLP B 34 -10.95 15.08 1.70
C4 LLP B 34 -9.27 15.65 3.49
C4' LLP B 34 -8.52 14.31 3.31
C5 LLP B 34 -8.93 16.74 4.49
C6 LLP B 34 -9.73 17.88 4.51
C5' LLP B 34 -7.77 16.72 5.45
OP4 LLP B 34 -6.56 17.02 4.71
P LLP B 34 -5.17 16.94 5.45
OP1 LLP B 34 -4.97 15.49 5.77
OP2 LLP B 34 -4.13 17.44 4.54
OP3 LLP B 34 -5.36 17.76 6.68
N LLP B 34 -10.92 8.90 6.73
CA LLP B 34 -10.90 8.16 5.51
CB LLP B 34 -10.97 9.10 4.30
CG LLP B 34 -9.79 10.00 4.16
CD LLP B 34 -10.28 11.27 3.50
CE LLP B 34 -9.05 11.88 2.92
NZ LLP B 34 -9.26 13.26 2.56
C LLP B 34 -9.68 7.30 5.41
O LLP B 34 -8.64 7.46 6.14
N ALA B 35 -9.84 6.31 4.55
CA ALA B 35 -8.79 5.36 4.26
C ALA B 35 -8.30 4.59 5.48
N ASN B 36 -9.24 4.07 6.24
CA ASN B 36 -8.93 3.37 7.46
C ASN B 36 -8.12 4.25 8.42
N ALA B 37 -8.55 5.49 8.61
CA ALA B 37 -7.83 6.47 9.47
C ALA B 37 -6.40 6.70 9.00
N TYR B 38 -6.28 7.02 7.71
CA TYR B 38 -4.98 7.26 7.08
C TYR B 38 -4.05 6.09 7.38
N GLY B 39 -4.59 4.86 7.33
CA GLY B 39 -3.76 3.67 7.58
C GLY B 39 -3.60 3.22 9.04
N HIS B 40 -4.09 4.04 9.97
CA HIS B 40 -3.87 3.79 11.43
C HIS B 40 -4.85 2.83 12.07
N GLY B 41 -5.95 2.53 11.37
CA GLY B 41 -7.01 1.66 11.86
C GLY B 41 -8.13 2.38 12.55
N VAL B 42 -9.30 2.42 11.92
CA VAL B 42 -10.40 3.14 12.54
C VAL B 42 -10.75 2.58 13.94
N LYS B 43 -10.63 1.27 14.12
CA LYS B 43 -10.93 0.60 15.42
C LYS B 43 -10.09 1.20 16.52
N ASP B 44 -8.83 1.51 16.22
CA ASP B 44 -7.94 2.04 17.23
C ASP B 44 -7.81 3.57 17.26
N CYS B 45 -8.53 4.32 16.40
CA CYS B 45 -8.41 5.77 16.34
C CYS B 45 -9.72 6.48 16.69
N LEU B 46 -10.86 5.87 16.38
CA LEU B 46 -12.13 6.55 16.65
C LEU B 46 -12.31 6.81 18.16
N ALA B 47 -11.82 5.90 18.99
CA ALA B 47 -11.99 6.04 20.41
C ALA B 47 -11.17 7.21 20.85
N ALA B 48 -9.92 7.19 20.43
CA ALA B 48 -9.02 8.23 20.84
C ALA B 48 -9.51 9.63 20.38
N LEU B 49 -10.25 9.67 19.26
CA LEU B 49 -10.75 10.90 18.67
C LEU B 49 -12.22 11.11 19.00
N ASN B 50 -12.69 10.49 20.09
CA ASN B 50 -14.09 10.48 20.39
C ASN B 50 -14.65 11.86 20.63
N ALA B 51 -13.81 12.82 21.02
CA ALA B 51 -14.27 14.19 21.31
C ALA B 51 -14.52 15.00 20.02
N SER B 52 -14.22 14.42 18.86
CA SER B 52 -14.51 15.04 17.56
C SER B 52 -15.99 15.30 17.44
N ASP B 53 -16.31 16.45 16.84
CA ASP B 53 -17.70 16.78 16.63
C ASP B 53 -18.29 15.95 15.52
N ALA B 54 -17.46 15.54 14.57
CA ALA B 54 -17.90 14.75 13.45
C ALA B 54 -16.70 13.99 12.88
N PHE B 55 -16.97 12.99 12.06
CA PHE B 55 -15.94 12.24 11.35
C PHE B 55 -16.14 12.41 9.85
N GLY B 56 -15.04 12.60 9.13
CA GLY B 56 -15.12 12.66 7.68
C GLY B 56 -14.60 11.44 7.00
N VAL B 57 -15.35 10.97 6.02
CA VAL B 57 -14.97 9.80 5.23
C VAL B 57 -15.05 10.01 3.71
N ALA B 58 -14.41 9.11 2.99
CA ALA B 58 -14.42 9.12 1.52
C ALA B 58 -15.67 8.46 0.93
N CYS B 59 -16.34 7.55 1.64
CA CYS B 59 -17.47 6.85 1.03
C CYS B 59 -18.35 6.22 2.07
N LEU B 60 -19.52 5.82 1.60
CA LEU B 60 -20.55 5.23 2.43
C LEU B 60 -20.06 4.04 3.25
N GLN B 61 -19.30 3.14 2.64
CA GLN B 61 -18.72 1.97 3.33
C GLN B 61 -17.91 2.36 4.55
N GLU B 62 -17.00 3.35 4.40
CA GLU B 62 -16.22 3.87 5.51
C GLU B 62 -17.09 4.44 6.63
N GLY B 63 -18.20 5.12 6.31
CA GLY B 63 -19.14 5.58 7.35
C GLY B 63 -19.88 4.43 8.10
N LEU B 64 -20.32 3.44 7.33
CA LEU B 64 -20.94 2.22 7.88
C LEU B 64 -19.98 1.53 8.87
N GLU B 65 -18.71 1.52 8.51
CA GLU B 65 -17.71 0.96 9.40
C GLU B 65 -17.68 1.72 10.73
N ILE B 66 -17.70 3.05 10.69
CA ILE B 66 -17.80 3.88 11.89
C ILE B 66 -19.01 3.52 12.78
N ARG B 67 -20.17 3.38 12.19
CA ARG B 67 -21.36 2.96 12.93
C ARG B 67 -21.23 1.54 13.50
N GLU B 68 -20.73 0.63 12.69
CA GLU B 68 -20.48 -0.77 13.12
C GLU B 68 -19.54 -0.81 14.33
N LEU B 69 -18.60 0.13 14.42
CA LEU B 69 -17.70 0.22 15.56
C LEU B 69 -18.29 0.90 16.78
N GLY B 70 -19.61 1.26 16.72
CA GLY B 70 -20.39 1.87 17.79
C GLY B 70 -20.33 3.39 17.88
N PHE B 71 -19.81 4.05 16.86
CA PHE B 71 -19.69 5.51 16.96
C PHE B 71 -20.89 6.19 16.34
N GLU B 72 -21.53 7.07 17.10
CA GLU B 72 -22.75 7.78 16.67
C GLU B 72 -22.54 9.24 16.28
N GLN B 73 -21.29 9.71 16.28
CA GLN B 73 -21.01 11.07 15.84
C GLN B 73 -21.54 11.31 14.43
N PRO B 74 -21.88 12.56 14.14
CA PRO B 74 -22.21 12.87 12.76
C PRO B 74 -21.03 12.44 11.87
N VAL B 75 -21.35 11.94 10.68
CA VAL B 75 -20.36 11.58 9.69
C VAL B 75 -20.67 12.39 8.41
N THR B 76 -19.64 12.96 7.80
CA THR B 76 -19.77 13.61 6.50
C THR B 76 -19.13 12.74 5.44
N LEU B 77 -19.93 12.38 4.45
CA LEU B 77 -19.40 11.72 3.23
C LEU B 77 -18.81 12.84 2.32
N ILE B 78 -17.51 12.98 2.38
CA ILE B 78 -16.84 14.17 1.86
C ILE B 78 -16.79 14.25 0.31
N GLU B 79 -17.06 13.13 -0.38
CA GLU B 79 -17.29 13.13 -1.83
C GLU B 79 -18.77 12.91 -2.22
N GLY B 80 -19.64 12.86 -1.22
CA GLY B 80 -21.06 12.65 -1.41
C GLY B 80 -21.29 11.21 -1.77
N VAL B 81 -22.42 10.95 -2.40
CA VAL B 81 -22.74 9.56 -2.78
C VAL B 81 -22.45 9.32 -4.25
N PHE B 82 -22.08 8.09 -4.58
CA PHE B 82 -21.65 7.71 -5.96
C PHE B 82 -22.75 7.14 -6.79
N SER B 83 -23.79 6.60 -6.15
CA SER B 83 -24.98 6.10 -6.79
C SER B 83 -26.21 6.46 -5.98
N GLU B 84 -27.32 6.61 -6.67
CA GLU B 84 -28.52 7.12 -6.04
C GLU B 84 -28.98 6.23 -4.89
N ASP B 85 -28.85 4.92 -5.06
CA ASP B 85 -29.29 3.99 -4.03
C ASP B 85 -28.50 4.08 -2.71
N GLU B 86 -27.41 4.84 -2.66
CA GLU B 86 -26.79 5.18 -1.37
C GLU B 86 -27.64 6.12 -0.49
N MET B 87 -28.51 6.91 -1.08
CA MET B 87 -29.19 7.94 -0.33
C MET B 87 -30.03 7.43 0.88
N PRO B 88 -30.83 6.34 0.70
CA PRO B 88 -31.66 5.87 1.85
C PRO B 88 -30.78 5.43 3.00
N VAL B 89 -29.61 4.88 2.66
CA VAL B 89 -28.67 4.42 3.70
C VAL B 89 -28.02 5.62 4.38
N ALA B 90 -27.50 6.57 3.59
CA ALA B 90 -26.98 7.82 4.21
C ALA B 90 -28.03 8.44 5.15
N ILE B 91 -29.27 8.52 4.72
CA ILE B 91 -30.33 9.09 5.52
C ILE B 91 -30.55 8.33 6.84
N GLU B 92 -30.71 7.01 6.70
CA GLU B 92 -30.97 6.14 7.82
C GLU B 92 -29.82 6.19 8.84
N GLN B 93 -28.57 6.16 8.36
CA GLN B 93 -27.42 6.20 9.22
C GLN B 93 -27.02 7.58 9.68
N LYS B 94 -27.72 8.60 9.20
CA LYS B 94 -27.47 10.00 9.57
C LYS B 94 -26.06 10.45 9.14
N PHE B 95 -25.76 10.16 7.88
CA PHE B 95 -24.58 10.65 7.20
C PHE B 95 -24.94 11.87 6.37
N GLU B 96 -24.22 12.99 6.61
CA GLU B 96 -24.42 14.17 5.80
C GLU B 96 -23.63 13.99 4.50
N CYS B 97 -24.21 14.47 3.40
CA CYS B 97 -23.60 14.36 2.11
C CYS B 97 -23.06 15.69 1.62
N VAL B 98 -21.87 15.59 1.07
CA VAL B 98 -21.41 16.61 0.14
C VAL B 98 -22.16 16.41 -1.16
N ILE B 99 -22.45 17.53 -1.83
CA ILE B 99 -22.83 17.52 -3.20
C ILE B 99 -21.82 18.41 -3.94
N HIS B 100 -21.31 17.90 -5.06
CA HIS B 100 -20.29 18.56 -5.89
C HIS B 100 -20.63 18.64 -7.36
N HIS B 101 -21.67 17.96 -7.80
CA HIS B 101 -22.14 18.08 -9.16
C HIS B 101 -23.66 17.83 -9.29
N GLN B 102 -24.17 18.17 -10.48
CA GLN B 102 -25.62 18.15 -10.75
C GLN B 102 -26.28 16.80 -10.45
N GLN B 103 -25.62 15.74 -10.80
CA GLN B 103 -26.19 14.43 -10.50
C GLN B 103 -26.58 14.24 -8.99
N GLN B 104 -25.68 14.61 -8.10
CA GLN B 104 -25.94 14.47 -6.68
C GLN B 104 -27.01 15.43 -6.23
N PHE B 105 -27.07 16.61 -6.84
CA PHE B 105 -28.10 17.58 -6.44
C PHE B 105 -29.49 17.00 -6.74
N GLU B 106 -29.63 16.42 -7.92
CA GLU B 106 -30.88 15.76 -8.35
C GLU B 106 -31.28 14.63 -7.42
N TRP B 107 -30.33 13.78 -7.03
CA TRP B 107 -30.65 12.66 -6.11
C TRP B 107 -31.03 13.20 -4.73
N LEU B 108 -30.36 14.25 -4.27
CA LEU B 108 -30.72 14.86 -2.99
C LEU B 108 -32.16 15.46 -2.93
N ILE B 109 -32.48 16.27 -3.94
CA ILE B 109 -33.85 16.83 -4.10
C ILE B 109 -34.87 15.70 -4.11
N LYS B 110 -34.61 14.68 -4.90
CA LYS B 110 -35.46 13.52 -4.87
C LYS B 110 -35.73 12.91 -3.49
N HIS B 111 -34.74 12.96 -2.55
CA HIS B 111 -34.91 12.49 -1.16
C HIS B 111 -35.02 13.61 -0.10
N LYS B 112 -35.44 14.81 -0.50
CA LYS B 112 -35.46 15.95 0.42
C LYS B 112 -36.26 15.78 1.72
N GLN B 113 -37.49 15.23 1.65
CA GLN B 113 -38.37 15.18 2.84
C GLN B 113 -37.66 14.42 3.97
N ALA B 114 -37.25 13.19 3.65
CA ALA B 114 -36.56 12.31 4.58
C ALA B 114 -35.17 12.85 5.05
N TYR B 115 -34.42 13.44 4.12
CA TYR B 115 -33.09 14.00 4.45
C TYR B 115 -33.24 15.17 5.41
N ILE B 116 -34.10 16.13 5.06
CA ILE B 116 -34.36 17.27 5.97
C ILE B 116 -34.90 16.87 7.35
N ALA B 117 -35.77 15.85 7.35
CA ALA B 117 -36.50 15.41 8.56
C ALA B 117 -35.56 14.72 9.49
N GLN B 118 -34.54 14.05 8.91
CA GLN B 118 -33.43 13.51 9.69
C GLN B 118 -32.46 14.57 10.28
N GLY B 119 -32.59 15.85 9.93
CA GLY B 119 -31.74 16.91 10.54
C GLY B 119 -30.33 17.02 9.91
N LEU B 120 -30.19 16.56 8.68
CA LEU B 120 -28.91 16.45 8.00
C LEU B 120 -28.65 17.67 7.16
N LYS B 121 -27.47 18.26 7.38
CA LYS B 121 -26.93 19.34 6.56
C LYS B 121 -26.53 18.78 5.21
N VAL B 122 -26.56 19.63 4.20
CA VAL B 122 -25.93 19.35 2.90
C VAL B 122 -24.71 20.26 2.75
N TRP B 123 -23.58 19.64 2.45
CA TRP B 123 -22.34 20.35 2.28
C TRP B 123 -22.16 20.57 0.78
N VAL B 124 -22.17 21.81 0.36
CA VAL B 124 -22.14 22.12 -1.05
C VAL B 124 -20.71 22.50 -1.38
N LYS B 125 -20.06 21.71 -2.19
CA LYS B 125 -18.65 21.90 -2.52
C LYS B 125 -18.44 22.86 -3.68
N LEU B 126 -17.52 23.77 -3.49
CA LEU B 126 -17.11 24.79 -4.42
C LEU B 126 -15.81 24.35 -5.09
N ASN B 127 -15.79 24.42 -6.41
CA ASN B 127 -14.54 24.31 -7.17
C ASN B 127 -14.08 25.72 -7.47
N SER B 128 -13.02 26.15 -6.78
CA SER B 128 -12.48 27.50 -6.94
C SER B 128 -11.07 27.52 -7.58
N GLY B 129 -10.76 26.48 -8.34
CA GLY B 129 -9.45 26.41 -9.05
C GLY B 129 -8.61 25.18 -8.75
N MET B 130 -8.95 24.41 -7.69
CA MET B 130 -8.27 23.12 -7.55
C MET B 130 -8.62 22.21 -8.73
N ASN B 131 -9.84 22.35 -9.28
CA ASN B 131 -10.30 21.58 -10.45
C ASN B 131 -10.26 20.07 -10.21
N ARG B 132 -10.87 19.72 -9.09
CA ARG B 132 -11.14 18.35 -8.79
C ARG B 132 -12.68 18.25 -8.69
N LEU B 133 -13.27 18.44 -7.52
CA LEU B 133 -14.74 18.34 -7.41
C LEU B 133 -15.29 19.71 -7.14
N GLY B 134 -16.50 19.96 -7.58
CA GLY B 134 -17.21 21.11 -7.11
C GLY B 134 -18.00 21.85 -8.13
N PHE B 135 -19.03 22.56 -7.63
CA PHE B 135 -19.76 23.50 -8.41
C PHE B 135 -18.93 24.77 -8.60
N LYS B 136 -19.06 25.40 -9.74
CA LYS B 136 -18.34 26.65 -9.98
C LYS B 136 -19.16 27.90 -9.64
N ASP B 137 -18.45 28.99 -9.42
CA ASP B 137 -19.07 30.30 -9.29
C ASP B 137 -19.37 30.82 -10.72
N PRO B 138 -20.61 31.20 -11.10
CA PRO B 138 -21.76 31.47 -10.21
C PRO B 138 -22.75 30.35 -10.01
N GLU B 139 -22.53 29.21 -10.65
CA GLU B 139 -23.51 28.15 -10.63
C GLU B 139 -23.85 27.68 -9.20
N ILE B 140 -22.85 27.68 -8.32
CA ILE B 140 -23.04 27.27 -6.91
C ILE B 140 -24.08 28.14 -6.17
N ILE B 141 -24.17 29.43 -6.52
CA ILE B 141 -25.08 30.32 -5.81
C ILE B 141 -26.51 29.86 -6.00
N GLU B 142 -26.83 29.48 -7.22
CA GLU B 142 -28.14 28.97 -7.62
C GLU B 142 -28.49 27.72 -6.84
N VAL B 143 -27.52 26.83 -6.75
CA VAL B 143 -27.72 25.58 -6.03
C VAL B 143 -28.07 25.85 -4.57
N ILE B 144 -27.26 26.69 -3.95
CA ILE B 144 -27.42 27.03 -2.55
C ILE B 144 -28.76 27.73 -2.31
N LYS B 145 -29.08 28.70 -3.15
CA LYS B 145 -30.32 29.47 -2.90
C LYS B 145 -31.56 28.57 -3.13
N THR B 146 -31.51 27.66 -4.09
CA THR B 146 -32.53 26.62 -4.22
C THR B 146 -32.66 25.71 -3.00
N LEU B 147 -31.54 25.23 -2.48
CA LEU B 147 -31.55 24.33 -1.33
C LEU B 147 -32.11 25.05 -0.14
N LYS B 148 -31.74 26.31 0.08
CA LYS B 148 -32.27 27.07 1.21
C LYS B 148 -33.80 27.20 1.19
N SER B 149 -34.28 27.52 -0.01
CA SER B 149 -35.71 27.54 -0.37
C SER B 149 -36.43 26.26 -0.14
N GLU B 150 -35.77 25.13 -0.38
CA GLU B 150 -36.37 23.84 -0.09
C GLU B 150 -36.30 23.50 1.38
N GLY B 151 -35.72 24.39 2.19
CA GLY B 151 -35.59 24.18 3.62
C GLY B 151 -34.36 23.42 4.08
N PHE B 152 -33.37 23.21 3.21
CA PHE B 152 -32.14 22.51 3.65
C PHE B 152 -31.28 23.48 4.39
N THR B 153 -30.47 22.93 5.28
CA THR B 153 -29.44 23.69 5.95
C THR B 153 -28.10 23.32 5.25
N CYS B 154 -27.36 24.35 4.84
CA CYS B 154 -26.21 24.15 3.99
C CYS B 154 -24.94 24.42 4.73
N VAL B 155 -23.86 23.86 4.21
CA VAL B 155 -22.52 24.18 4.61
C VAL B 155 -21.82 24.46 3.34
N LEU B 156 -21.26 25.65 3.23
CA LEU B 156 -20.40 25.95 2.10
C LEU B 156 -19.01 25.33 2.35
N ALA B 157 -18.59 24.46 1.45
CA ALA B 157 -17.37 23.66 1.67
C ALA B 157 -16.36 23.87 0.54
N MET B 158 -15.10 23.96 0.90
CA MET B 158 -14.06 24.08 -0.12
C MET B 158 -12.80 23.42 0.40
N HIS B 159 -11.95 22.95 -0.51
CA HIS B 159 -10.61 22.43 -0.19
C HIS B 159 -9.53 23.27 -0.91
N PHE B 160 -8.52 23.67 -0.16
CA PHE B 160 -7.34 24.36 -0.71
C PHE B 160 -6.47 23.39 -1.43
N ALA B 161 -6.02 23.76 -2.63
CA ALA B 161 -5.07 22.99 -3.42
C ALA B 161 -3.65 23.19 -2.92
N ASN B 162 -3.33 24.35 -2.37
CA ASN B 162 -1.91 24.64 -2.05
C ASN B 162 -1.69 25.29 -0.67
N ALA B 163 -2.50 24.89 0.31
CA ALA B 163 -2.41 25.42 1.67
C ALA B 163 -1.07 25.16 2.35
N ASP B 164 -0.37 24.13 1.89
CA ASP B 164 0.96 23.77 2.42
C ASP B 164 2.09 24.72 2.01
N VAL B 165 1.83 25.61 1.05
CA VAL B 165 2.83 26.54 0.56
C VAL B 165 2.33 27.95 0.47
N ASP B 166 3.26 28.85 0.15
CA ASP B 166 2.87 30.18 -0.32
C ASP B 166 2.53 30.03 -1.78
N HIS B 167 1.33 30.49 -2.15
CA HIS B 167 0.88 30.26 -3.50
C HIS B 167 -0.30 31.17 -3.78
N PRO B 168 -0.28 31.88 -4.93
CA PRO B 168 -1.38 32.81 -5.26
C PRO B 168 -2.80 32.19 -5.45
N LEU B 169 -2.87 30.91 -5.79
CA LEU B 169 -4.18 30.24 -5.89
C LEU B 169 -4.88 30.16 -4.52
N ASN B 170 -4.12 30.15 -3.42
CA ASN B 170 -4.66 30.23 -2.07
C ASN B 170 -5.53 31.51 -1.88
N GLU B 171 -5.01 32.65 -2.34
CA GLU B 171 -5.75 33.91 -2.28
C GLU B 171 -6.93 33.89 -3.23
N GLN B 172 -6.74 33.36 -4.42
CA GLN B 172 -7.86 33.26 -5.35
C GLN B 172 -9.00 32.42 -4.72
N GLN B 173 -8.62 31.29 -4.09
CA GLN B 173 -9.62 30.39 -3.47
C GLN B 173 -10.29 31.07 -2.30
N LYS B 174 -9.50 31.79 -1.50
CA LYS B 174 -10.03 32.48 -0.36
C LYS B 174 -11.07 33.49 -0.83
N GLN B 175 -10.69 34.34 -1.78
CA GLN B 175 -11.58 35.42 -2.21
C GLN B 175 -12.82 34.89 -2.87
N GLN B 176 -12.73 33.82 -3.64
CA GLN B 176 -13.94 33.24 -4.21
C GLN B 176 -14.89 32.71 -3.16
N PHE B 177 -14.32 32.08 -2.13
CA PHE B 177 -15.06 31.47 -1.05
C PHE B 177 -15.83 32.56 -0.26
N LEU B 178 -15.11 33.62 0.09
CA LEU B 178 -15.72 34.73 0.82
C LEU B 178 -16.83 35.44 0.06
N HIS B 179 -16.61 35.59 -1.24
CA HIS B 179 -17.61 36.15 -2.13
C HIS B 179 -18.88 35.32 -2.16
N ILE B 180 -18.73 34.00 -2.32
CA ILE B 180 -19.87 33.12 -2.31
C ILE B 180 -20.59 33.14 -0.92
N LYS B 181 -19.82 33.10 0.16
CA LYS B 181 -20.39 33.14 1.51
C LYS B 181 -21.18 34.42 1.71
N GLU B 182 -20.63 35.55 1.32
CA GLU B 182 -21.32 36.84 1.44
C GLU B 182 -22.65 36.87 0.72
N THR B 183 -22.66 36.31 -0.50
CA THR B 183 -23.88 36.23 -1.32
C THR B 183 -24.92 35.29 -0.73
N CYS B 184 -24.47 34.26 -0.02
CA CYS B 184 -25.35 33.21 0.48
C CYS B 184 -25.54 33.25 2.00
N ASP B 185 -24.98 34.25 2.66
CA ASP B 185 -25.13 34.39 4.11
C ASP B 185 -26.60 34.56 4.47
N PRO B 186 -26.94 34.23 5.71
CA PRO B 186 -25.99 33.47 6.60
C PRO B 186 -25.90 32.01 6.16
N ILE B 187 -24.70 31.44 6.26
CA ILE B 187 -24.44 30.09 5.80
C ILE B 187 -23.27 29.53 6.59
N LEU B 188 -23.43 28.29 7.02
CA LEU B 188 -22.33 27.55 7.66
C LEU B 188 -21.17 27.34 6.63
N ALA B 189 -19.91 27.31 7.11
CA ALA B 189 -18.81 27.28 6.22
C ALA B 189 -17.66 26.36 6.71
N SER B 190 -16.98 25.73 5.74
CA SER B 190 -15.86 24.85 6.07
C SER B 190 -14.80 24.86 5.04
N CYS B 191 -13.58 25.26 5.41
CA CYS B 191 -12.55 25.15 4.38
C CYS B 191 -11.16 24.72 4.82
N CYS B 192 -10.90 24.65 6.12
CA CYS B 192 -9.52 24.37 6.60
C CYS B 192 -9.14 22.89 6.75
N ASN B 193 -8.13 22.47 6.01
CA ASN B 193 -7.40 21.21 6.23
C ASN B 193 -6.28 21.49 7.22
N SER B 194 -5.47 20.48 7.54
CA SER B 194 -4.39 20.66 8.47
C SER B 194 -3.53 21.93 8.18
N ALA B 195 -3.07 22.08 6.98
CA ALA B 195 -2.22 23.26 6.64
C ALA B 195 -2.90 24.57 6.94
N ALA B 196 -4.18 24.64 6.56
CA ALA B 196 -5.01 25.80 6.77
C ALA B 196 -5.27 26.07 8.25
N ILE B 197 -5.40 25.00 9.04
CA ILE B 197 -5.57 25.15 10.48
C ILE B 197 -4.33 25.83 11.08
N PHE B 198 -3.18 25.41 10.63
CA PHE B 198 -1.94 26.04 11.09
C PHE B 198 -1.79 27.51 10.71
N LYS B 199 -2.26 27.85 9.53
CA LYS B 199 -1.93 29.10 8.94
C LYS B 199 -3.03 30.15 9.01
N TRP B 200 -4.28 29.76 8.83
CA TRP B 200 -5.36 30.71 8.61
C TRP B 200 -6.54 30.57 9.51
N PRO B 201 -6.35 30.92 10.80
CA PRO B 201 -7.44 30.83 11.75
C PRO B 201 -8.66 31.65 11.33
N GLU B 202 -8.45 32.79 10.66
CA GLU B 202 -9.56 33.62 10.15
C GLU B 202 -10.54 32.89 9.19
N LEU B 203 -10.08 31.81 8.58
CA LEU B 203 -10.93 30.97 7.76
C LEU B 203 -11.49 29.70 8.45
N ASN B 204 -11.39 29.61 9.76
CA ASN B 204 -11.92 28.43 10.47
C ASN B 204 -13.45 28.28 10.33
N PHE B 205 -14.17 29.41 10.44
CA PHE B 205 -15.62 29.40 10.43
C PHE B 205 -16.18 28.29 11.33
N ASP B 206 -17.14 27.52 10.85
CA ASP B 206 -17.92 26.61 11.68
C ASP B 206 -17.34 25.20 11.82
N TYR B 207 -16.70 24.70 10.74
CA TYR B 207 -16.08 23.37 10.71
C TYR B 207 -14.68 23.36 10.12
N VAL B 208 -13.71 22.87 10.90
CA VAL B 208 -12.37 22.64 10.42
C VAL B 208 -12.27 21.12 10.15
N ARG B 209 -11.37 20.76 9.22
CA ARG B 209 -11.23 19.38 8.81
C ARG B 209 -9.77 18.87 8.87
N PRO B 210 -9.22 18.66 10.09
CA PRO B 210 -7.87 18.10 10.25
C PRO B 210 -7.83 16.62 9.81
N GLY B 211 -6.80 16.31 9.05
CA GLY B 211 -6.51 14.96 8.67
C GLY B 211 -5.11 14.66 9.19
N ILE B 212 -4.09 14.93 8.36
CA ILE B 212 -2.73 14.45 8.61
C ILE B 212 -2.25 14.85 10.02
N MET B 213 -2.63 16.04 10.49
CA MET B 213 -2.14 16.51 11.79
C MET B 213 -2.59 15.62 12.96
N LEU B 214 -3.77 15.02 12.85
CA LEU B 214 -4.24 14.10 13.88
C LEU B 214 -3.28 12.93 14.11
N TYR B 215 -2.66 12.46 13.02
CA TYR B 215 -1.78 11.32 13.01
C TYR B 215 -0.35 11.65 13.36
N GLY B 216 -0.07 12.93 13.60
CA GLY B 216 1.30 13.35 13.90
C GLY B 216 2.28 13.19 12.75
N ALA B 217 1.84 13.53 11.56
CA ALA B 217 2.68 13.70 10.40
C ALA B 217 2.43 15.12 9.93
N SER B 218 3.33 15.60 9.08
CA SER B 218 3.33 17.01 8.65
C SER B 218 2.56 17.27 7.36
N PRO B 219 1.72 18.32 7.36
CA PRO B 219 1.11 18.78 6.15
C PRO B 219 2.10 19.62 5.29
N PHE B 220 3.32 19.88 5.80
CA PHE B 220 4.26 20.85 5.22
C PHE B 220 5.58 20.17 4.93
N ALA B 221 5.97 20.18 3.66
CA ALA B 221 7.23 19.55 3.25
C ALA B 221 8.43 20.13 3.98
N ASP B 222 8.34 21.39 4.38
CA ASP B 222 9.46 22.13 4.98
C ASP B 222 9.35 22.31 6.48
N LYS B 223 8.52 21.52 7.17
CA LYS B 223 8.36 21.64 8.63
C LYS B 223 8.24 20.26 9.25
N THR B 224 8.94 20.03 10.37
CA THR B 224 8.83 18.75 11.08
C THR B 224 7.66 18.81 12.04
N VAL B 225 7.23 17.63 12.49
CA VAL B 225 6.22 17.56 13.54
C VAL B 225 6.72 18.21 14.85
N HIS B 226 8.04 18.19 15.12
CA HIS B 226 8.53 18.93 16.30
C HIS B 226 8.30 20.44 16.15
N ASP B 227 8.56 20.99 14.97
CA ASP B 227 8.33 22.40 14.68
C ASP B 227 6.88 22.72 14.91
N LEU B 228 6.02 21.76 14.59
CA LEU B 228 4.58 21.95 14.65
C LEU B 228 3.93 21.55 15.95
N ASP B 229 4.72 21.00 16.88
CA ASP B 229 4.20 20.47 18.11
C ASP B 229 3.03 19.47 17.87
N LEU B 230 3.34 18.40 17.13
CA LEU B 230 2.44 17.24 16.93
C LEU B 230 3.20 16.00 17.34
N LYS B 231 2.48 15.02 17.86
CA LYS B 231 3.07 13.77 18.32
C LYS B 231 2.80 12.63 17.31
N PRO B 232 3.88 12.06 16.76
CA PRO B 232 3.70 10.86 15.91
C PRO B 232 2.80 9.81 16.51
N VAL B 233 1.82 9.31 15.76
CA VAL B 233 0.90 8.32 16.26
C VAL B 233 1.32 6.85 15.99
N MET B 234 1.73 6.57 14.74
CA MET B 234 2.11 5.26 14.32
C MET B 234 3.60 4.99 14.59
N THR B 235 3.88 3.88 15.26
CA THR B 235 5.25 3.32 15.28
C THR B 235 5.22 2.00 14.48
N PHE B 236 6.10 1.90 13.50
CA PHE B 236 6.18 0.73 12.58
C PHE B 236 7.53 0.06 12.88
N THR B 237 7.49 -1.21 13.26
CA THR B 237 8.73 -1.94 13.70
C THR B 237 8.84 -3.35 13.13
N ALA B 238 10.06 -3.88 13.26
CA ALA B 238 10.36 -5.23 12.91
C ALA B 238 11.56 -5.63 13.77
N GLU B 239 12.14 -6.78 13.51
CA GLU B 239 13.27 -7.25 14.30
C GLU B 239 14.41 -7.73 13.42
N ILE B 240 15.61 -7.72 14.04
CA ILE B 240 16.78 -8.32 13.46
C ILE B 240 16.63 -9.86 13.43
N ILE B 241 16.82 -10.43 12.24
CA ILE B 241 16.70 -11.86 12.03
C ILE B 241 18.02 -12.55 11.63
N ALA B 242 19.03 -11.77 11.26
CA ALA B 242 20.35 -12.33 10.99
C ALA B 242 21.40 -11.23 11.16
N LEU B 243 22.62 -11.61 11.51
CA LEU B 243 23.73 -10.70 11.61
C LEU B 243 24.88 -11.23 10.81
N ASN B 244 25.49 -10.34 9.99
CA ASN B 244 26.66 -10.73 9.17
C ASN B 244 27.78 -9.74 9.34
N HIS B 245 29.02 -10.24 9.45
CA HIS B 245 30.27 -9.41 9.45
C HIS B 245 30.80 -9.46 8.04
N ILE B 246 30.93 -8.33 7.33
CA ILE B 246 31.31 -8.34 5.89
C ILE B 246 32.65 -7.66 5.70
N MET B 264 32.19 -3.98 7.79
CA MET B 264 30.91 -3.69 8.42
C MET B 264 30.18 -4.87 9.10
N ASP B 265 29.30 -4.54 10.03
CA ASP B 265 28.37 -5.48 10.60
C ASP B 265 27.01 -5.11 10.00
N ILE B 266 26.28 -6.11 9.52
CA ILE B 266 25.07 -5.89 8.78
C ILE B 266 24.00 -6.67 9.54
N ALA B 267 22.81 -6.08 9.69
CA ALA B 267 21.72 -6.79 10.29
C ALA B 267 20.62 -6.88 9.24
N ILE B 268 20.02 -8.06 9.14
CA ILE B 268 18.88 -8.25 8.28
C ILE B 268 17.65 -8.14 9.18
N VAL B 269 16.65 -7.40 8.66
CA VAL B 269 15.48 -7.04 9.43
C VAL B 269 14.24 -7.58 8.72
N SER B 270 13.29 -8.07 9.48
CA SER B 270 12.09 -8.70 8.95
C SER B 270 11.00 -7.73 8.53
N ILE B 271 11.34 -6.84 7.60
CA ILE B 271 10.36 -6.03 6.91
C ILE B 271 10.77 -5.89 5.46
N GLY B 272 9.79 -5.76 4.57
CA GLY B 272 10.03 -5.41 3.18
C GLY B 272 8.82 -4.72 2.57
N TYR B 273 8.80 -4.57 1.25
CA TYR B 273 7.68 -3.92 0.56
C TYR B 273 6.40 -4.76 0.57
N GLY B 274 6.54 -6.06 0.87
CA GLY B 274 5.41 -6.92 1.13
C GLY B 274 4.69 -6.58 2.37
N ASP B 275 5.37 -5.83 3.26
CA ASP B 275 4.75 -5.28 4.48
C ASP B 275 4.23 -3.85 4.33
N GLY B 276 4.62 -3.20 3.25
CA GLY B 276 4.33 -1.82 3.00
C GLY B 276 5.55 -0.94 3.28
N TYR B 277 6.72 -1.49 3.61
CA TYR B 277 7.95 -0.69 3.69
C TYR B 277 8.40 -0.32 2.28
N PRO B 278 8.53 0.98 1.96
CA PRO B 278 8.75 1.39 0.60
C PRO B 278 10.12 0.93 0.05
N ARG B 279 10.14 0.68 -1.24
CA ARG B 279 11.28 0.06 -1.88
C ARG B 279 12.19 1.07 -2.48
N ALA B 280 11.70 2.07 -3.19
CA ALA B 280 12.62 2.84 -4.02
C ALA B 280 13.02 4.22 -3.46
N TYR B 281 14.31 4.43 -3.25
CA TYR B 281 14.78 5.62 -2.56
C TYR B 281 15.59 6.52 -3.51
N VAL B 282 15.42 7.82 -3.35
CA VAL B 282 16.20 8.83 -4.04
C VAL B 282 17.36 9.29 -3.19
N LYS B 283 17.36 9.00 -1.89
CA LYS B 283 18.59 9.24 -1.12
C LYS B 283 18.60 8.32 0.07
N GLN B 284 19.69 8.37 0.81
CA GLN B 284 19.94 7.46 1.91
C GLN B 284 18.81 7.53 2.92
N ASN B 285 18.30 6.35 3.24
CA ASN B 285 17.30 6.24 4.28
C ASN B 285 17.93 5.63 5.54
N PHE B 286 17.20 5.74 6.66
CA PHE B 286 17.61 5.27 7.94
C PHE B 286 16.49 4.62 8.71
N VAL B 287 16.87 3.71 9.59
CA VAL B 287 15.98 3.22 10.64
C VAL B 287 16.47 3.79 11.98
N ALA B 288 15.72 3.58 13.02
CA ALA B 288 16.19 3.88 14.39
C ALA B 288 16.21 2.60 15.27
N ILE B 289 17.29 2.41 16.01
CA ILE B 289 17.38 1.32 16.95
C ILE B 289 17.68 1.96 18.31
N ASP B 290 16.77 1.77 19.24
CA ASP B 290 16.87 2.39 20.57
C ASP B 290 17.12 3.88 20.47
N GLY B 291 16.45 4.54 19.53
CA GLY B 291 16.65 5.96 19.30
C GLY B 291 17.79 6.38 18.39
N LYS B 292 18.74 5.50 18.04
CA LYS B 292 19.87 5.86 17.18
C LYS B 292 19.62 5.53 15.71
N LEU B 293 19.92 6.46 14.82
CA LEU B 293 19.71 6.22 13.42
C LEU B 293 20.75 5.25 12.91
N CYS B 294 20.34 4.33 12.08
CA CYS B 294 21.22 3.40 11.40
C CYS B 294 20.85 3.36 9.92
N PRO B 295 21.84 3.42 9.01
CA PRO B 295 21.50 3.46 7.59
C PRO B 295 20.91 2.14 7.06
N VAL B 296 19.97 2.25 6.13
CA VAL B 296 19.47 1.09 5.37
C VAL B 296 20.44 0.90 4.25
N VAL B 297 20.86 -0.34 3.98
CA VAL B 297 21.89 -0.52 2.93
C VAL B 297 21.40 -1.44 1.86
N GLY B 298 21.74 -1.13 0.61
CA GLY B 298 21.29 -1.96 -0.51
C GLY B 298 19.80 -1.87 -0.69
N ARG B 299 19.22 -2.80 -1.44
CA ARG B 299 17.86 -2.66 -1.87
C ARG B 299 16.92 -3.27 -0.84
N VAL B 300 15.69 -2.77 -0.81
CA VAL B 300 14.60 -3.32 -0.03
C VAL B 300 13.97 -4.49 -0.83
N SER B 301 13.90 -5.70 -0.26
CA SER B 301 13.23 -6.78 -0.93
C SER B 301 11.77 -6.90 -0.43
N MET B 302 11.06 -7.94 -0.86
CA MET B 302 9.66 -8.10 -0.51
C MET B 302 9.49 -8.35 0.97
N ASP B 303 10.43 -9.12 1.58
CA ASP B 303 10.31 -9.54 2.98
C ASP B 303 11.46 -9.07 3.91
N MET B 304 12.50 -8.43 3.37
CA MET B 304 13.65 -8.13 4.19
C MET B 304 14.36 -6.88 3.77
N ILE B 305 15.01 -6.24 4.73
CA ILE B 305 15.92 -5.11 4.48
C ILE B 305 17.22 -5.37 5.20
N ALA B 306 18.23 -4.60 4.83
CA ALA B 306 19.50 -4.73 5.49
C ALA B 306 19.92 -3.39 6.05
N ILE B 307 20.53 -3.42 7.19
CA ILE B 307 20.92 -2.21 7.89
C ILE B 307 22.38 -2.29 8.38
N ASP B 308 23.06 -1.15 8.40
CA ASP B 308 24.41 -1.08 8.87
C ASP B 308 24.38 -0.84 10.39
N VAL B 309 24.86 -1.82 11.15
CA VAL B 309 24.90 -1.77 12.62
C VAL B 309 26.34 -1.75 13.11
N THR B 310 27.27 -1.39 12.23
CA THR B 310 28.68 -1.33 12.61
C THR B 310 28.84 -0.50 13.93
N ASN B 311 28.13 0.58 14.07
CA ASN B 311 28.44 1.36 15.29
C ASN B 311 27.52 1.12 16.45
N THR B 312 26.79 0.01 16.43
CA THR B 312 25.61 -0.11 17.24
C THR B 312 25.46 -1.52 17.80
N GLN B 313 25.38 -1.63 19.11
CA GLN B 313 25.35 -2.92 19.75
C GLN B 313 23.94 -3.48 19.68
N VAL B 314 23.76 -4.55 18.90
CA VAL B 314 22.46 -5.22 18.72
C VAL B 314 22.54 -6.72 18.93
N LYS B 315 21.37 -7.36 19.02
CA LYS B 315 21.28 -8.81 19.03
C LYS B 315 20.23 -9.33 18.06
N LEU B 316 20.25 -10.63 17.79
CA LEU B 316 19.13 -11.23 17.10
C LEU B 316 17.89 -10.95 17.95
N GLY B 317 16.82 -10.51 17.28
CA GLY B 317 15.58 -10.18 17.97
C GLY B 317 15.46 -8.72 18.41
N THR B 318 16.50 -7.91 18.25
CA THR B 318 16.39 -6.52 18.64
C THR B 318 15.32 -5.85 17.78
N GLN B 319 14.43 -5.09 18.42
CA GLN B 319 13.36 -4.37 17.73
C GLN B 319 13.93 -3.13 17.01
N VAL B 320 13.53 -2.93 15.77
CA VAL B 320 14.06 -1.88 14.89
C VAL B 320 12.86 -0.99 14.49
N GLU B 321 13.01 0.32 14.68
CA GLU B 321 11.97 1.28 14.31
C GLU B 321 12.08 1.75 12.85
N LEU B 322 11.09 1.41 12.06
CA LEU B 322 11.07 1.80 10.64
C LEU B 322 10.61 3.27 10.51
N TRP B 323 9.60 3.60 11.31
CA TRP B 323 9.25 4.98 11.61
C TRP B 323 8.46 5.07 12.90
N GLY B 324 8.45 6.26 13.47
CA GLY B 324 7.76 6.47 14.74
C GLY B 324 8.22 7.82 15.30
N ASN B 325 8.58 7.84 16.59
CA ASN B 325 9.03 9.08 17.23
C ASN B 325 10.45 9.43 16.94
N HIS B 326 11.25 8.43 16.58
CA HIS B 326 12.70 8.64 16.41
C HIS B 326 13.13 8.66 14.94
N ARG B 327 12.58 7.80 14.10
CA ARG B 327 12.76 7.98 12.67
C ARG B 327 11.39 8.48 12.16
N LEU B 328 11.33 9.74 11.80
CA LEU B 328 10.04 10.37 11.45
C LEU B 328 9.54 9.88 10.10
N VAL B 329 8.24 9.52 10.03
CA VAL B 329 7.69 9.05 8.76
C VAL B 329 7.86 10.04 7.59
N ASP B 330 7.81 11.34 7.87
CA ASP B 330 8.06 12.29 6.76
C ASP B 330 9.50 12.25 6.22
N ASP B 331 10.48 11.91 7.06
CA ASP B 331 11.83 11.76 6.59
C ASP B 331 12.01 10.54 5.70
N VAL B 332 11.40 9.43 6.11
CA VAL B 332 11.40 8.21 5.33
C VAL B 332 10.76 8.54 3.98
N ALA B 333 9.60 9.21 4.03
CA ALA B 333 8.87 9.58 2.83
C ALA B 333 9.66 10.46 1.88
N GLU B 334 10.34 11.45 2.41
CA GLU B 334 11.21 12.27 1.59
C GLU B 334 12.33 11.43 0.94
N ALA B 335 12.91 10.47 1.65
CA ALA B 335 13.94 9.65 1.05
C ALA B 335 13.40 8.73 -0.05
N ASN B 336 12.09 8.40 0.06
CA ASN B 336 11.30 7.59 -0.88
C ASN B 336 10.69 8.42 -2.01
N GLY B 337 10.96 9.73 -2.06
CA GLY B 337 10.43 10.65 -3.05
C GLY B 337 8.96 10.99 -2.92
N THR B 338 8.38 10.83 -1.74
CA THR B 338 6.95 11.10 -1.60
C THR B 338 6.74 11.79 -0.26
N ILE B 339 5.50 11.72 0.24
CA ILE B 339 5.12 12.38 1.48
C ILE B 339 4.54 11.33 2.47
N GLY B 340 4.55 11.69 3.73
CA GLY B 340 4.16 10.78 4.84
C GLY B 340 2.80 10.14 4.67
N TYR B 341 1.82 10.93 4.25
CA TYR B 341 0.51 10.48 3.96
C TYR B 341 0.50 9.14 3.21
N GLU B 342 1.33 9.04 2.17
CA GLU B 342 1.34 7.85 1.30
C GLU B 342 1.85 6.63 2.04
N LEU B 343 2.95 6.77 2.77
CA LEU B 343 3.53 5.69 3.56
C LEU B 343 2.56 5.13 4.62
N LEU B 344 1.82 6.05 5.23
CA LEU B 344 0.86 5.67 6.29
C LEU B 344 -0.29 4.82 5.72
N CYS B 345 -0.65 5.13 4.47
CA CYS B 345 -1.73 4.50 3.73
C CYS B 345 -1.48 3.18 2.98
N ARG B 346 -0.20 2.79 2.78
CA ARG B 346 0.09 1.70 1.86
C ARG B 346 0.88 0.56 2.51
N LEU B 347 0.54 0.30 3.79
CA LEU B 347 0.97 -0.89 4.52
C LEU B 347 0.10 -2.07 4.14
N SER B 348 0.67 -3.26 4.17
CA SER B 348 -0.06 -4.45 3.81
C SER B 348 -0.77 -4.98 5.06
N SER B 349 -1.52 -6.06 4.90
CA SER B 349 -2.12 -6.76 6.03
C SER B 349 -1.11 -7.56 6.88
N ARG B 350 0.11 -7.75 6.39
CA ARG B 350 1.01 -8.68 7.04
C ARG B 350 1.43 -8.26 8.44
N PRO B 351 1.90 -7.02 8.64
CA PRO B 351 2.20 -6.63 10.03
C PRO B 351 1.04 -6.72 11.00
N VAL B 352 1.34 -7.14 12.21
CA VAL B 352 0.35 -7.21 13.27
C VAL B 352 0.02 -5.80 13.74
N ARG B 353 -1.26 -5.50 13.92
CA ARG B 353 -1.68 -4.21 14.47
C ARG B 353 -1.85 -4.40 15.94
N GLN B 354 -1.01 -3.78 16.73
CA GLN B 354 -0.99 -4.09 18.18
C GLN B 354 -2.28 -3.67 18.81
#